data_7LG8
#
_entry.id   7LG8
#
_cell.length_a   55.654
_cell.length_b   75.947
_cell.length_c   150.978
_cell.angle_alpha   90.000
_cell.angle_beta   94.410
_cell.angle_gamma   90.000
#
_symmetry.space_group_name_H-M   'P 1 21 1'
#
loop_
_entity.id
_entity.type
_entity.pdbx_description
1 polymer 'Epidermal growth factor receptor'
2 non-polymer (2R)-2-(5-fluoro-2-hydroxyphenyl)-2-{6-[4-(1-methylpiperidin-4-yl)phenyl]-1-oxo-1,3-dihydro-2H-isoindol-2-yl}-N-(1,3-thiazol-2-yl)acetamide
3 non-polymer '6-ethyl-3-[[4-[4-(4-methylpiperazin-1-yl)piperidin-1-yl]phenyl]amino]-5-[(3R)-1-prop-2-enoylpyrrolidin-3-yl]oxy-pyrazin e-2-carboxamide'
4 water water
#
_entity_poly.entity_id   1
_entity_poly.type   'polypeptide(L)'
_entity_poly.pdbx_seq_one_letter_code
;GSTSGEAPNQALLRILKETEFKKIKVLGSGAFGTVYKGLWIPEGEKVKIPVAIKELREATSPKANKEILDEAYVMASVDN
PHVCRLLGICLTSTVQLIMQLMPFGCLLDYVREHKDNIGSQYLLNWCVQIAKGMNYLEDRRLVHRDLAARNVLVKTPQHV
KITDFGLAKLLGAEEKEYHAEGGKVPIKWMALESILHRIYTHQSDVWSYGVTVWELMTFGSKPYDGIPASEISSILEKGE
RLPQPPICTIDVYMIMRKCWMIDADSRPKFRELIIEFSKMARDPQRYLVIQGDERMHLPSPTDSNFYRALMDEEDMDDVV
DADEYLIPQQG
;
_entity_poly.pdbx_strand_id   A,B,C,D
#
# COMPACT_ATOMS: atom_id res chain seq x y z
N ALA A 11 -1.77 11.28 -30.57
CA ALA A 11 -2.25 11.59 -31.91
C ALA A 11 -3.73 11.24 -32.04
N LEU A 12 -4.30 10.64 -31.01
CA LEU A 12 -5.73 10.35 -31.01
C LEU A 12 -6.55 11.60 -30.76
N LEU A 13 -6.04 12.54 -29.97
CA LEU A 13 -6.69 13.83 -29.80
C LEU A 13 -6.12 14.78 -30.84
N ARG A 14 -6.99 15.32 -31.68
CA ARG A 14 -6.61 16.18 -32.78
C ARG A 14 -6.91 17.62 -32.42
N ILE A 15 -5.91 18.49 -32.47
CA ILE A 15 -6.10 19.89 -32.13
C ILE A 15 -6.53 20.61 -33.40
N LEU A 16 -7.77 21.07 -33.43
CA LEU A 16 -8.36 21.67 -34.61
C LEU A 16 -8.17 23.18 -34.62
N LYS A 17 -8.14 23.73 -35.83
CA LYS A 17 -8.17 25.18 -36.00
C LYS A 17 -9.62 25.66 -35.98
N GLU A 18 -9.80 26.92 -35.58
CA GLU A 18 -11.16 27.46 -35.52
C GLU A 18 -11.79 27.57 -36.90
N THR A 19 -10.99 27.58 -37.97
CA THR A 19 -11.47 27.78 -39.33
C THR A 19 -11.72 26.46 -40.08
N GLU A 20 -11.80 25.33 -39.37
CA GLU A 20 -12.02 24.05 -40.02
C GLU A 20 -13.22 23.30 -39.46
N PHE A 21 -14.09 23.96 -38.71
CA PHE A 21 -15.34 23.37 -38.27
C PHE A 21 -16.35 24.48 -38.10
N LYS A 22 -17.63 24.13 -38.19
CA LYS A 22 -18.71 25.09 -38.20
C LYS A 22 -19.80 24.69 -37.23
N LYS A 23 -20.34 25.66 -36.51
CA LYS A 23 -21.53 25.46 -35.71
C LYS A 23 -22.76 25.82 -36.52
N ILE A 24 -23.80 24.97 -36.45
CA ILE A 24 -25.01 25.12 -37.24
C ILE A 24 -26.23 25.41 -36.37
N LYS A 25 -26.45 24.56 -35.38
CA LYS A 25 -27.66 24.66 -34.57
C LYS A 25 -27.33 24.18 -33.17
N VAL A 26 -27.93 24.80 -32.16
CA VAL A 26 -27.70 24.42 -30.77
C VAL A 26 -28.66 23.31 -30.39
N LEU A 27 -28.15 22.31 -29.68
CA LEU A 27 -28.94 21.18 -29.22
C LEU A 27 -29.42 21.37 -27.78
N GLY A 28 -28.76 22.24 -27.03
CA GLY A 28 -29.13 22.62 -25.68
C GLY A 28 -28.03 23.39 -25.00
N SER A 29 -28.34 24.07 -23.90
CA SER A 29 -27.31 24.85 -23.23
C SER A 29 -27.36 24.60 -21.73
N GLY A 30 -26.51 25.28 -20.97
CA GLY A 30 -26.59 25.16 -19.52
C GLY A 30 -25.56 26.02 -18.81
N ALA A 31 -25.09 25.52 -17.68
CA ALA A 31 -24.14 26.23 -16.83
C ALA A 31 -22.71 25.80 -17.10
N PHE A 32 -22.50 24.76 -17.91
CA PHE A 32 -21.15 24.36 -18.25
C PHE A 32 -20.80 24.63 -19.71
N GLY A 33 -21.77 24.95 -20.53
CA GLY A 33 -21.53 25.34 -21.90
C GLY A 33 -22.75 25.09 -22.76
N THR A 34 -22.62 25.50 -24.02
CA THR A 34 -23.67 25.31 -25.02
C THR A 34 -23.23 24.18 -25.96
N VAL A 35 -24.15 23.31 -26.34
CA VAL A 35 -23.85 22.18 -27.22
C VAL A 35 -24.42 22.46 -28.60
N TYR A 36 -23.58 22.37 -29.63
CA TYR A 36 -23.99 22.63 -31.00
C TYR A 36 -23.92 21.37 -31.86
N LYS A 37 -24.68 21.42 -32.95
CA LYS A 37 -24.56 20.48 -34.06
C LYS A 37 -23.73 21.12 -35.15
N GLY A 38 -22.80 20.36 -35.72
CA GLY A 38 -21.90 20.94 -36.69
C GLY A 38 -21.28 19.94 -37.63
N LEU A 39 -20.29 20.42 -38.38
CA LEU A 39 -19.61 19.65 -39.41
C LEU A 39 -18.12 19.95 -39.32
N TRP A 40 -17.29 18.94 -39.56
CA TRP A 40 -15.84 19.08 -39.44
C TRP A 40 -15.17 18.62 -40.72
N ILE A 41 -14.39 19.52 -41.32
CA ILE A 41 -13.61 19.24 -42.52
C ILE A 41 -12.14 19.53 -42.21
N PRO A 42 -11.33 18.50 -41.99
CA PRO A 42 -9.91 18.76 -41.69
C PRO A 42 -9.22 19.44 -42.87
N GLU A 43 -8.21 20.23 -42.57
CA GLU A 43 -7.52 21.02 -43.60
C GLU A 43 -6.78 20.11 -44.58
N GLY A 44 -7.37 19.90 -45.75
CA GLY A 44 -6.75 19.10 -46.78
C GLY A 44 -7.63 17.94 -47.20
N GLU A 45 -8.06 17.17 -46.20
CA GLU A 45 -8.95 16.04 -46.43
C GLU A 45 -10.25 16.53 -47.05
N LYS A 46 -10.81 15.72 -47.95
CA LYS A 46 -12.01 16.09 -48.70
C LYS A 46 -13.25 15.36 -48.20
N VAL A 47 -13.55 15.45 -46.90
CA VAL A 47 -14.69 14.77 -46.31
C VAL A 47 -15.42 15.69 -45.33
N LYS A 48 -16.72 15.48 -45.20
CA LYS A 48 -17.55 16.14 -44.19
C LYS A 48 -17.92 15.13 -43.11
N ILE A 49 -17.71 15.52 -41.85
CA ILE A 49 -17.96 14.68 -40.69
C ILE A 49 -18.94 15.38 -39.75
N PRO A 50 -20.12 14.81 -39.49
CA PRO A 50 -21.04 15.42 -38.51
C PRO A 50 -20.49 15.27 -37.09
N VAL A 51 -20.46 16.38 -36.36
CA VAL A 51 -19.87 16.41 -35.03
C VAL A 51 -20.78 17.20 -34.08
N ALA A 52 -20.54 17.00 -32.79
CA ALA A 52 -21.14 17.81 -31.73
C ALA A 52 -20.07 18.66 -31.07
N ILE A 53 -20.34 19.95 -30.92
CA ILE A 53 -19.38 20.91 -30.38
C ILE A 53 -19.94 21.48 -29.08
N LYS A 54 -19.24 21.24 -27.98
CA LYS A 54 -19.61 21.77 -26.66
C LYS A 54 -18.63 22.89 -26.30
N GLU A 55 -19.08 24.14 -26.40
CA GLU A 55 -18.26 25.29 -26.02
C GLU A 55 -18.45 25.57 -24.53
N LEU A 56 -17.36 25.51 -23.77
CA LEU A 56 -17.36 25.67 -22.31
C LEU A 56 -17.48 27.13 -21.89
N ARG A 57 -17.60 27.34 -20.57
CA ARG A 57 -17.48 28.68 -19.99
C ARG A 57 -16.15 28.87 -19.25
N GLU A 58 -15.23 27.90 -19.34
CA GLU A 58 -13.94 27.99 -18.66
C GLU A 58 -12.99 28.90 -19.42
N ALA A 59 -12.55 29.95 -18.75
CA ALA A 59 -11.58 30.91 -19.27
C ALA A 59 -10.21 30.27 -19.49
N THR A 60 -9.73 30.28 -20.72
CA THR A 60 -8.47 29.64 -21.08
C THR A 60 -7.28 30.52 -20.68
N SER A 61 -6.10 29.91 -20.69
CA SER A 61 -4.82 30.53 -20.34
C SER A 61 -3.74 29.46 -20.38
N PRO A 62 -2.47 29.82 -20.63
CA PRO A 62 -1.40 28.80 -20.64
C PRO A 62 -1.46 27.86 -19.45
N LYS A 63 -1.86 28.36 -18.28
CA LYS A 63 -1.94 27.49 -17.11
C LYS A 63 -3.19 26.60 -17.15
N ALA A 64 -4.34 27.16 -17.54
CA ALA A 64 -5.55 26.35 -17.66
C ALA A 64 -5.57 25.48 -18.91
N ASN A 65 -4.97 25.95 -20.01
CA ASN A 65 -4.95 25.16 -21.23
C ASN A 65 -4.23 23.83 -21.04
N LYS A 66 -3.18 23.83 -20.24
CA LYS A 66 -2.42 22.61 -20.00
C LYS A 66 -3.24 21.59 -19.23
N GLU A 67 -4.08 22.05 -18.30
CA GLU A 67 -4.93 21.14 -17.52
C GLU A 67 -6.07 20.58 -18.36
N ILE A 68 -6.67 21.40 -19.23
CA ILE A 68 -7.73 20.91 -20.10
C ILE A 68 -7.21 19.87 -21.07
N LEU A 69 -6.05 20.15 -21.69
CA LEU A 69 -5.52 19.24 -22.71
C LEU A 69 -5.14 17.89 -22.13
N ASP A 70 -4.50 17.87 -20.97
CA ASP A 70 -4.03 16.60 -20.40
C ASP A 70 -5.18 15.67 -20.06
N GLU A 71 -6.32 16.18 -19.61
CA GLU A 71 -7.46 15.30 -19.42
C GLU A 71 -8.14 14.94 -20.73
N ALA A 72 -7.95 15.75 -21.78
CA ALA A 72 -8.61 15.46 -23.04
C ALA A 72 -7.90 14.35 -23.81
N TYR A 73 -6.64 14.06 -23.47
CA TYR A 73 -5.92 12.98 -24.14
C TYR A 73 -6.36 11.61 -23.62
N VAL A 74 -6.76 11.52 -22.34
CA VAL A 74 -7.23 10.26 -21.80
C VAL A 74 -8.64 9.96 -22.30
N MET A 75 -9.46 10.98 -22.49
CA MET A 75 -10.81 10.81 -23.01
C MET A 75 -10.84 10.65 -24.53
N ALA A 76 -9.67 10.67 -25.18
CA ALA A 76 -9.55 10.36 -26.59
C ALA A 76 -8.92 9.00 -26.84
N SER A 77 -8.52 8.29 -25.78
CA SER A 77 -7.82 7.02 -25.89
C SER A 77 -8.71 5.83 -25.61
N VAL A 78 -10.00 6.03 -25.35
CA VAL A 78 -10.92 4.93 -25.11
C VAL A 78 -11.28 4.31 -26.45
N ASP A 79 -11.38 2.98 -26.47
CA ASP A 79 -11.71 2.26 -27.72
C ASP A 79 -12.59 1.07 -27.35
N ASN A 80 -13.90 1.33 -27.26
CA ASN A 80 -14.91 0.31 -26.99
C ASN A 80 -16.15 0.66 -27.80
N PRO A 81 -16.87 -0.35 -28.32
CA PRO A 81 -18.06 -0.05 -29.13
C PRO A 81 -19.13 0.74 -28.40
N HIS A 82 -19.20 0.66 -27.07
CA HIS A 82 -20.27 1.29 -26.31
C HIS A 82 -19.76 2.43 -25.42
N VAL A 83 -18.64 3.04 -25.79
CA VAL A 83 -18.10 4.21 -25.11
C VAL A 83 -17.74 5.25 -26.15
N CYS A 84 -18.13 6.49 -25.91
CA CYS A 84 -17.85 7.57 -26.85
C CYS A 84 -16.42 8.07 -26.68
N ARG A 85 -15.76 8.34 -27.80
CA ARG A 85 -14.38 8.80 -27.80
C ARG A 85 -14.33 10.27 -28.21
N LEU A 86 -13.56 11.05 -27.46
CA LEU A 86 -13.37 12.46 -27.80
C LEU A 86 -12.46 12.59 -29.02
N LEU A 87 -12.93 13.33 -30.02
CA LEU A 87 -12.23 13.38 -31.30
C LEU A 87 -11.25 14.54 -31.41
N GLY A 88 -11.61 15.73 -30.93
CA GLY A 88 -10.74 16.87 -31.09
C GLY A 88 -11.08 18.01 -30.16
N ILE A 89 -10.11 18.90 -29.97
CA ILE A 89 -10.23 20.06 -29.11
C ILE A 89 -9.73 21.30 -29.85
N CYS A 90 -10.44 22.42 -29.70
CA CYS A 90 -10.01 23.71 -30.24
C CYS A 90 -9.93 24.72 -29.10
N LEU A 91 -8.72 25.20 -28.82
CA LEU A 91 -8.46 26.11 -27.70
C LEU A 91 -8.07 27.49 -28.23
N THR A 92 -9.01 28.43 -28.19
CA THR A 92 -8.76 29.82 -28.52
C THR A 92 -8.98 30.62 -27.26
N SER A 93 -9.70 31.75 -27.35
CA SER A 93 -10.16 32.39 -26.13
C SER A 93 -11.25 31.57 -25.45
N THR A 94 -11.80 30.56 -26.12
CA THR A 94 -12.75 29.63 -25.53
C THR A 94 -12.45 28.22 -26.00
N VAL A 95 -12.48 27.27 -25.06
CA VAL A 95 -12.20 25.87 -25.39
C VAL A 95 -13.45 25.25 -26.00
N GLN A 96 -13.28 24.51 -27.09
CA GLN A 96 -14.38 23.83 -27.78
C GLN A 96 -14.05 22.36 -27.94
N LEU A 97 -14.92 21.50 -27.45
CA LEU A 97 -14.74 20.05 -27.51
C LEU A 97 -15.58 19.46 -28.64
N ILE A 98 -14.99 18.57 -29.42
CA ILE A 98 -15.62 18.01 -30.61
C ILE A 98 -15.71 16.48 -30.46
N MET A 99 -16.91 15.95 -30.66
CA MET A 99 -17.14 14.50 -30.68
C MET A 99 -18.10 14.18 -31.81
N GLN A 100 -18.28 12.88 -32.05
CA GLN A 100 -19.17 12.43 -33.12
C GLN A 100 -20.62 12.69 -32.78
N LEU A 101 -21.43 12.95 -33.81
CA LEU A 101 -22.85 13.21 -33.64
C LEU A 101 -23.62 11.89 -33.55
N MET A 102 -24.43 11.76 -32.50
CA MET A 102 -25.31 10.62 -32.27
C MET A 102 -26.71 10.99 -32.71
N PRO A 103 -27.11 10.61 -33.92
CA PRO A 103 -28.33 11.19 -34.53
C PRO A 103 -29.62 10.94 -33.77
N PHE A 104 -29.61 10.06 -32.78
CA PHE A 104 -30.88 9.70 -32.10
C PHE A 104 -31.01 10.43 -30.76
N GLY A 105 -29.93 11.08 -30.33
CA GLY A 105 -29.95 11.82 -29.08
C GLY A 105 -29.67 10.96 -27.86
N CYS A 106 -30.18 11.35 -26.70
CA CYS A 106 -29.94 10.59 -25.46
C CYS A 106 -31.11 9.65 -25.17
N LEU A 107 -30.87 8.57 -24.46
CA LEU A 107 -31.89 7.52 -24.24
C LEU A 107 -33.00 7.99 -23.32
N LEU A 108 -32.74 8.94 -22.43
CA LEU A 108 -33.87 9.45 -21.63
C LEU A 108 -34.87 10.01 -22.60
N ASP A 109 -34.46 10.94 -23.45
CA ASP A 109 -35.49 11.54 -24.29
C ASP A 109 -36.08 10.52 -25.26
N TYR A 110 -35.26 9.57 -25.73
CA TYR A 110 -35.74 8.56 -26.66
C TYR A 110 -36.77 7.66 -26.00
N VAL A 111 -36.43 7.12 -24.83
CA VAL A 111 -37.31 6.21 -24.12
C VAL A 111 -38.60 6.92 -23.71
N ARG A 112 -38.53 8.22 -23.43
CA ARG A 112 -39.73 8.97 -23.10
C ARG A 112 -40.61 9.21 -24.33
N GLU A 113 -40.01 9.41 -25.49
CA GLU A 113 -40.83 9.73 -26.66
C GLU A 113 -41.44 8.50 -27.30
N HIS A 114 -40.80 7.34 -27.17
CA HIS A 114 -41.33 6.09 -27.69
C HIS A 114 -41.80 5.21 -26.54
N LYS A 115 -42.51 5.83 -25.58
CA LYS A 115 -42.99 5.14 -24.39
C LYS A 115 -43.82 3.92 -24.73
N ASP A 116 -44.64 4.01 -25.77
CA ASP A 116 -45.62 2.96 -26.07
C ASP A 116 -45.15 1.99 -27.15
N ASN A 117 -43.88 2.03 -27.56
CA ASN A 117 -43.47 1.12 -28.63
C ASN A 117 -42.09 0.52 -28.43
N ILE A 118 -41.58 0.46 -27.21
CA ILE A 118 -40.28 -0.15 -26.94
C ILE A 118 -40.55 -1.53 -26.35
N GLY A 119 -39.93 -2.55 -26.95
CA GLY A 119 -40.13 -3.91 -26.51
C GLY A 119 -39.11 -4.38 -25.50
N SER A 120 -39.35 -5.59 -24.98
CA SER A 120 -38.47 -6.15 -23.95
C SER A 120 -37.06 -6.40 -24.47
N GLN A 121 -36.93 -6.75 -25.75
CA GLN A 121 -35.61 -7.03 -26.29
C GLN A 121 -34.73 -5.78 -26.28
N TYR A 122 -35.31 -4.64 -26.65
CA TYR A 122 -34.53 -3.41 -26.70
C TYR A 122 -34.10 -2.95 -25.30
N LEU A 123 -35.01 -3.06 -24.33
CA LEU A 123 -34.70 -2.57 -22.98
C LEU A 123 -33.59 -3.41 -22.34
N LEU A 124 -33.66 -4.73 -22.47
CA LEU A 124 -32.64 -5.58 -21.86
C LEU A 124 -31.31 -5.49 -22.62
N ASN A 125 -31.37 -5.36 -23.94
CA ASN A 125 -30.13 -5.22 -24.71
C ASN A 125 -29.42 -3.90 -24.39
N TRP A 126 -30.19 -2.84 -24.12
CA TRP A 126 -29.59 -1.59 -23.67
C TRP A 126 -28.86 -1.78 -22.35
N CYS A 127 -29.44 -2.59 -21.45
CA CYS A 127 -28.80 -2.83 -20.16
C CYS A 127 -27.48 -3.56 -20.33
N VAL A 128 -27.42 -4.52 -21.27
CA VAL A 128 -26.18 -5.23 -21.50
C VAL A 128 -25.14 -4.31 -22.15
N GLN A 129 -25.58 -3.46 -23.08
CA GLN A 129 -24.65 -2.58 -23.78
C GLN A 129 -24.08 -1.52 -22.85
N ILE A 130 -24.89 -0.99 -21.93
CA ILE A 130 -24.40 0.00 -20.99
C ILE A 130 -23.42 -0.62 -20.00
N ALA A 131 -23.70 -1.85 -19.55
CA ALA A 131 -22.81 -2.52 -18.62
C ALA A 131 -21.47 -2.86 -19.27
N LYS A 132 -21.47 -3.19 -20.57
CA LYS A 132 -20.21 -3.44 -21.26
C LYS A 132 -19.36 -2.16 -21.33
N GLY A 133 -20.00 -1.02 -21.58
CA GLY A 133 -19.25 0.22 -21.64
C GLY A 133 -18.72 0.63 -20.28
N MET A 134 -19.48 0.38 -19.21
CA MET A 134 -19.01 0.68 -17.87
C MET A 134 -17.95 -0.32 -17.43
N ASN A 135 -18.02 -1.56 -17.94
CA ASN A 135 -17.01 -2.56 -17.59
C ASN A 135 -15.67 -2.22 -18.21
N TYR A 136 -15.67 -1.70 -19.44
CA TYR A 136 -14.42 -1.29 -20.08
C TYR A 136 -13.78 -0.11 -19.34
N LEU A 137 -14.60 0.86 -18.93
CA LEU A 137 -14.08 1.99 -18.15
C LEU A 137 -13.42 1.54 -16.85
N GLU A 138 -13.90 0.43 -16.28
CA GLU A 138 -13.28 -0.10 -15.07
C GLU A 138 -11.90 -0.68 -15.35
N ASP A 139 -11.75 -1.39 -16.47
CA ASP A 139 -10.44 -1.92 -16.85
C ASP A 139 -9.44 -0.81 -17.09
N ARG A 140 -9.90 0.31 -17.63
CA ARG A 140 -9.05 1.46 -17.88
C ARG A 140 -8.88 2.37 -16.67
N ARG A 141 -9.41 1.97 -15.51
CA ARG A 141 -9.33 2.74 -14.25
C ARG A 141 -9.83 4.17 -14.44
N LEU A 142 -11.03 4.29 -15.01
CA LEU A 142 -11.70 5.58 -15.18
C LEU A 142 -13.07 5.48 -14.52
N VAL A 143 -13.33 6.39 -13.59
CA VAL A 143 -14.62 6.45 -12.91
C VAL A 143 -15.51 7.44 -13.66
N HIS A 144 -16.74 7.03 -13.96
CA HIS A 144 -17.65 7.87 -14.71
C HIS A 144 -18.08 9.09 -13.89
N ARG A 145 -18.63 8.85 -12.71
CA ARG A 145 -19.05 9.82 -11.69
C ARG A 145 -20.41 10.43 -12.00
N ASP A 146 -21.00 10.21 -13.16
CA ASP A 146 -22.27 10.86 -13.50
C ASP A 146 -23.06 9.98 -14.46
N LEU A 147 -23.22 8.71 -14.14
CA LEU A 147 -23.98 7.81 -14.98
C LEU A 147 -25.47 8.09 -14.83
N ALA A 148 -26.16 8.31 -15.95
CA ALA A 148 -27.59 8.58 -15.95
C ALA A 148 -28.11 8.37 -17.37
N ALA A 149 -29.44 8.23 -17.48
CA ALA A 149 -30.05 8.03 -18.79
C ALA A 149 -29.83 9.23 -19.70
N ARG A 150 -29.58 10.42 -19.14
CA ARG A 150 -29.27 11.59 -19.94
C ARG A 150 -27.87 11.52 -20.54
N ASN A 151 -26.98 10.69 -19.99
CA ASN A 151 -25.61 10.59 -20.44
C ASN A 151 -25.35 9.33 -21.25
N VAL A 152 -26.40 8.69 -21.75
CA VAL A 152 -26.27 7.58 -22.68
C VAL A 152 -26.81 8.03 -24.03
N LEU A 153 -25.94 8.05 -25.03
CA LEU A 153 -26.30 8.52 -26.36
C LEU A 153 -26.65 7.34 -27.25
N VAL A 154 -27.58 7.59 -28.18
CA VAL A 154 -28.07 6.56 -29.09
C VAL A 154 -27.50 6.83 -30.47
N LYS A 155 -26.72 5.89 -31.00
CA LYS A 155 -26.25 5.99 -32.37
C LYS A 155 -27.27 5.38 -33.34
N THR A 156 -27.67 4.15 -33.09
CA THR A 156 -28.81 3.50 -33.73
C THR A 156 -29.66 2.87 -32.64
N PRO A 157 -30.94 2.60 -32.91
CA PRO A 157 -31.80 2.01 -31.88
C PRO A 157 -31.24 0.74 -31.24
N GLN A 158 -30.36 0.03 -31.95
CA GLN A 158 -29.74 -1.17 -31.43
C GLN A 158 -28.29 -0.94 -30.98
N HIS A 159 -27.87 0.32 -30.85
CA HIS A 159 -26.47 0.61 -30.49
C HIS A 159 -26.44 1.89 -29.69
N VAL A 160 -26.07 1.79 -28.41
CA VAL A 160 -25.95 2.94 -27.51
C VAL A 160 -24.53 3.00 -26.98
N LYS A 161 -24.14 4.21 -26.56
CA LYS A 161 -22.79 4.47 -26.04
C LYS A 161 -22.89 5.49 -24.92
N ILE A 162 -22.05 5.31 -23.88
CA ILE A 162 -22.03 6.21 -22.73
C ILE A 162 -21.04 7.33 -22.99
N THR A 163 -21.32 8.50 -22.41
CA THR A 163 -20.53 9.70 -22.67
C THR A 163 -20.34 10.50 -21.39
N ASP A 164 -19.52 11.54 -21.49
CA ASP A 164 -19.24 12.47 -20.39
C ASP A 164 -18.81 11.74 -19.12
N PHE A 165 -17.71 11.00 -19.23
CA PHE A 165 -17.13 10.31 -18.10
C PHE A 165 -15.90 11.05 -17.59
N GLY A 166 -15.61 10.86 -16.32
CA GLY A 166 -14.45 11.50 -15.70
C GLY A 166 -14.63 12.99 -15.51
N LEU A 167 -15.86 13.45 -15.36
CA LEU A 167 -16.17 14.87 -15.19
C LEU A 167 -16.27 15.20 -13.70
N ALA A 168 -15.11 15.45 -13.09
CA ALA A 168 -15.03 16.09 -11.79
C ALA A 168 -13.78 16.97 -11.75
N LYS A 169 -13.48 17.60 -12.88
CA LYS A 169 -12.26 18.34 -13.16
C LYS A 169 -11.66 19.08 -11.97
N VAL A 185 -25.73 19.09 -9.44
CA VAL A 185 -25.17 17.88 -8.85
C VAL A 185 -26.22 16.77 -8.88
N PRO A 186 -25.88 15.63 -9.48
CA PRO A 186 -26.83 14.52 -9.57
C PRO A 186 -27.06 13.81 -8.25
N ILE A 187 -27.68 14.49 -7.27
CA ILE A 187 -27.83 13.92 -5.94
C ILE A 187 -28.61 12.62 -5.99
N LYS A 188 -29.66 12.57 -6.81
CA LYS A 188 -30.54 11.41 -6.86
C LYS A 188 -29.96 10.24 -7.63
N TRP A 189 -28.77 10.41 -8.24
CA TRP A 189 -28.07 9.31 -8.88
C TRP A 189 -26.84 8.85 -8.10
N MET A 190 -26.42 9.59 -7.08
CA MET A 190 -25.18 9.29 -6.38
C MET A 190 -25.39 8.22 -5.32
N ALA A 191 -24.35 7.43 -5.09
CA ALA A 191 -24.35 6.49 -3.98
C ALA A 191 -24.29 7.25 -2.66
N LEU A 192 -24.64 6.55 -1.58
CA LEU A 192 -24.72 7.19 -0.27
C LEU A 192 -23.34 7.68 0.18
N GLU A 193 -22.30 6.89 -0.07
CA GLU A 193 -20.95 7.32 0.30
C GLU A 193 -20.48 8.50 -0.55
N SER A 194 -21.06 8.70 -1.74
CA SER A 194 -20.73 9.87 -2.52
C SER A 194 -21.40 11.12 -1.95
N ILE A 195 -22.65 10.99 -1.49
CA ILE A 195 -23.37 12.13 -0.93
C ILE A 195 -22.71 12.61 0.36
N LEU A 196 -22.25 11.67 1.19
CA LEU A 196 -21.77 12.02 2.52
C LEU A 196 -20.29 12.40 2.57
N HIS A 197 -19.44 11.69 1.80
CA HIS A 197 -18.00 11.88 1.90
C HIS A 197 -17.33 12.20 0.58
N ARG A 198 -18.10 12.43 -0.49
CA ARG A 198 -17.55 12.74 -1.81
C ARG A 198 -16.67 11.59 -2.33
N ILE A 199 -17.06 10.36 -2.04
CA ILE A 199 -16.32 9.18 -2.47
C ILE A 199 -16.92 8.66 -3.77
N TYR A 200 -16.12 8.65 -4.83
CA TYR A 200 -16.53 8.16 -6.14
C TYR A 200 -15.62 7.01 -6.53
N THR A 201 -16.18 5.81 -6.66
CA THR A 201 -15.45 4.61 -7.03
C THR A 201 -16.19 3.89 -8.15
N HIS A 202 -15.62 2.76 -8.59
CA HIS A 202 -16.32 1.91 -9.54
C HIS A 202 -17.56 1.29 -8.93
N GLN A 203 -17.61 1.14 -7.60
CA GLN A 203 -18.78 0.58 -6.94
C GLN A 203 -19.85 1.64 -6.71
N SER A 204 -19.47 2.91 -6.57
CA SER A 204 -20.46 3.97 -6.57
C SER A 204 -21.07 4.15 -7.95
N ASP A 205 -20.32 3.80 -9.00
CA ASP A 205 -20.89 3.75 -10.34
C ASP A 205 -21.95 2.66 -10.48
N VAL A 206 -21.77 1.53 -9.77
CA VAL A 206 -22.78 0.48 -9.79
C VAL A 206 -24.10 1.00 -9.25
N TRP A 207 -24.05 1.86 -8.23
CA TRP A 207 -25.26 2.50 -7.72
C TRP A 207 -25.92 3.32 -8.82
N SER A 208 -25.14 4.16 -9.50
CA SER A 208 -25.69 4.99 -10.57
C SER A 208 -26.24 4.15 -11.71
N TYR A 209 -25.64 2.98 -11.95
CA TYR A 209 -26.16 2.08 -12.98
C TYR A 209 -27.57 1.61 -12.64
N GLY A 210 -27.81 1.27 -11.37
CA GLY A 210 -29.13 0.84 -10.95
C GLY A 210 -30.20 1.89 -11.18
N VAL A 211 -29.89 3.15 -10.87
CA VAL A 211 -30.85 4.23 -11.12
C VAL A 211 -31.10 4.39 -12.61
N THR A 212 -30.04 4.29 -13.42
CA THR A 212 -30.19 4.38 -14.87
C THR A 212 -31.09 3.27 -15.39
N VAL A 213 -30.92 2.04 -14.88
CA VAL A 213 -31.80 0.94 -15.27
C VAL A 213 -33.24 1.23 -14.86
N TRP A 214 -33.43 1.83 -13.68
CA TRP A 214 -34.77 2.20 -13.25
C TRP A 214 -35.41 3.20 -14.21
N GLU A 215 -34.62 4.17 -14.69
CA GLU A 215 -35.13 5.12 -15.67
C GLU A 215 -35.63 4.42 -16.92
N LEU A 216 -34.86 3.46 -17.42
CA LEU A 216 -35.25 2.77 -18.65
C LEU A 216 -36.48 1.91 -18.44
N MET A 217 -36.55 1.23 -17.29
CA MET A 217 -37.67 0.32 -17.03
C MET A 217 -38.96 1.07 -16.68
N THR A 218 -38.88 2.32 -16.26
CA THR A 218 -40.06 3.15 -16.01
C THR A 218 -40.34 4.12 -17.15
N PHE A 219 -39.65 3.96 -18.27
CA PHE A 219 -39.85 4.80 -19.47
C PHE A 219 -39.59 6.27 -19.20
N GLY A 220 -38.52 6.56 -18.44
CA GLY A 220 -38.05 7.92 -18.27
C GLY A 220 -38.64 8.68 -17.11
N SER A 221 -39.11 7.99 -16.07
CA SER A 221 -39.67 8.65 -14.90
C SER A 221 -38.58 9.34 -14.08
N LYS A 222 -38.99 10.34 -13.32
CA LYS A 222 -38.05 11.06 -12.48
C LYS A 222 -37.85 10.30 -11.17
N PRO A 223 -36.62 10.00 -10.78
CA PRO A 223 -36.40 9.19 -9.57
C PRO A 223 -36.73 9.96 -8.30
N TYR A 224 -37.29 9.24 -7.33
CA TYR A 224 -37.67 9.82 -6.03
C TYR A 224 -38.56 11.05 -6.20
N ASP A 225 -39.59 10.92 -7.03
CA ASP A 225 -40.45 12.05 -7.35
C ASP A 225 -41.18 12.52 -6.10
N GLY A 226 -41.08 13.82 -5.81
CA GLY A 226 -41.70 14.41 -4.65
C GLY A 226 -40.80 14.59 -3.45
N ILE A 227 -39.58 14.11 -3.50
CA ILE A 227 -38.63 14.21 -2.38
C ILE A 227 -37.58 15.25 -2.73
N PRO A 228 -37.30 16.21 -1.84
CA PRO A 228 -36.27 17.20 -2.14
C PRO A 228 -34.89 16.58 -2.14
N ALA A 229 -33.98 17.21 -2.88
CA ALA A 229 -32.61 16.69 -2.95
C ALA A 229 -31.90 16.85 -1.62
N SER A 230 -32.35 17.82 -0.80
CA SER A 230 -31.78 18.05 0.53
C SER A 230 -32.08 16.90 1.49
N GLU A 231 -32.98 16.00 1.13
CA GLU A 231 -33.37 14.89 2.00
C GLU A 231 -32.92 13.53 1.47
N ILE A 232 -32.22 13.48 0.33
CA ILE A 232 -31.90 12.19 -0.26
C ILE A 232 -30.95 11.39 0.63
N SER A 233 -29.93 12.05 1.21
CA SER A 233 -29.02 11.36 2.13
C SER A 233 -29.78 10.86 3.35
N SER A 234 -30.72 11.67 3.86
CA SER A 234 -31.50 11.26 5.02
C SER A 234 -32.43 10.12 4.67
N ILE A 235 -33.08 10.20 3.50
CA ILE A 235 -34.06 9.16 3.14
C ILE A 235 -33.41 7.79 2.85
N LEU A 236 -32.18 7.77 2.32
CA LEU A 236 -31.59 6.47 2.00
C LEU A 236 -31.18 5.68 3.25
N GLU A 237 -30.57 6.35 4.23
CA GLU A 237 -30.12 5.66 5.44
C GLU A 237 -31.28 5.14 6.29
N LYS A 238 -32.47 5.72 6.15
CA LYS A 238 -33.63 5.19 6.85
C LYS A 238 -34.29 4.03 6.10
N GLY A 239 -33.73 3.62 4.97
CA GLY A 239 -34.13 2.38 4.31
C GLY A 239 -34.88 2.53 3.01
N GLU A 240 -34.90 3.72 2.42
CA GLU A 240 -35.72 3.90 1.22
C GLU A 240 -34.95 3.57 -0.05
N ARG A 241 -35.68 3.02 -1.03
CA ARG A 241 -35.16 2.75 -2.36
C ARG A 241 -36.24 3.10 -3.38
N LEU A 242 -35.82 3.18 -4.65
CA LEU A 242 -36.78 3.40 -5.71
C LEU A 242 -37.77 2.22 -5.80
N PRO A 243 -39.01 2.48 -6.16
CA PRO A 243 -40.00 1.39 -6.21
C PRO A 243 -39.77 0.46 -7.39
N GLN A 244 -40.49 -0.65 -7.38
CA GLN A 244 -40.34 -1.66 -8.42
C GLN A 244 -41.12 -1.26 -9.67
N PRO A 245 -40.48 -1.16 -10.83
CA PRO A 245 -41.18 -0.73 -12.05
C PRO A 245 -42.27 -1.71 -12.43
N PRO A 246 -43.39 -1.23 -12.98
CA PRO A 246 -44.51 -2.12 -13.30
C PRO A 246 -44.16 -3.24 -14.27
N ILE A 247 -43.23 -3.01 -15.20
CA ILE A 247 -42.94 -4.01 -16.22
C ILE A 247 -41.90 -5.03 -15.77
N CYS A 248 -41.22 -4.79 -14.64
CA CYS A 248 -40.15 -5.65 -14.18
C CYS A 248 -40.68 -6.77 -13.30
N THR A 249 -40.20 -7.99 -13.55
CA THR A 249 -40.39 -9.07 -12.60
C THR A 249 -39.44 -8.89 -11.43
N ILE A 250 -39.56 -9.76 -10.42
CA ILE A 250 -38.75 -9.60 -9.22
C ILE A 250 -37.28 -9.89 -9.51
N ASP A 251 -37.00 -10.74 -10.50
CA ASP A 251 -35.60 -11.05 -10.83
C ASP A 251 -34.88 -9.83 -11.36
N VAL A 252 -35.57 -8.98 -12.13
CA VAL A 252 -34.96 -7.76 -12.62
C VAL A 252 -34.82 -6.75 -11.49
N TYR A 253 -35.83 -6.65 -10.63
CA TYR A 253 -35.81 -5.66 -9.56
C TYR A 253 -34.73 -5.98 -8.53
N MET A 254 -34.50 -7.26 -8.24
CA MET A 254 -33.50 -7.60 -7.24
C MET A 254 -32.08 -7.29 -7.69
N ILE A 255 -31.84 -7.32 -9.00
CA ILE A 255 -30.55 -6.89 -9.51
C ILE A 255 -30.36 -5.40 -9.27
N MET A 256 -31.40 -4.61 -9.54
CA MET A 256 -31.33 -3.17 -9.35
C MET A 256 -31.15 -2.81 -7.88
N ARG A 257 -31.81 -3.55 -6.99
CA ARG A 257 -31.71 -3.26 -5.56
C ARG A 257 -30.34 -3.64 -5.00
N LYS A 258 -29.70 -4.66 -5.56
CA LYS A 258 -28.36 -5.01 -5.13
C LYS A 258 -27.35 -3.93 -5.50
N CYS A 259 -27.64 -3.14 -6.53
CA CYS A 259 -26.80 -2.00 -6.89
C CYS A 259 -26.89 -0.88 -5.86
N TRP A 260 -27.92 -0.88 -5.01
CA TRP A 260 -28.18 0.20 -4.07
C TRP A 260 -27.90 -0.19 -2.61
N MET A 261 -27.03 -1.16 -2.39
CA MET A 261 -26.67 -1.53 -1.03
C MET A 261 -25.74 -0.51 -0.39
N ILE A 262 -25.85 -0.38 0.94
CA ILE A 262 -25.03 0.58 1.67
C ILE A 262 -23.56 0.17 1.61
N ASP A 263 -23.28 -1.12 1.82
CA ASP A 263 -21.91 -1.62 1.71
C ASP A 263 -21.50 -1.66 0.25
N ALA A 264 -20.46 -0.88 -0.10
CA ALA A 264 -20.05 -0.77 -1.49
C ALA A 264 -19.55 -2.12 -2.04
N ASP A 265 -18.85 -2.90 -1.22
CA ASP A 265 -18.33 -4.18 -1.68
C ASP A 265 -19.40 -5.26 -1.74
N SER A 266 -20.64 -4.96 -1.37
CA SER A 266 -21.74 -5.90 -1.50
C SER A 266 -22.53 -5.70 -2.79
N ARG A 267 -22.36 -4.57 -3.46
CA ARG A 267 -23.00 -4.33 -4.73
C ARG A 267 -22.37 -5.21 -5.82
N PRO A 268 -23.15 -5.58 -6.84
CA PRO A 268 -22.58 -6.41 -7.91
C PRO A 268 -21.49 -5.67 -8.67
N LYS A 269 -20.68 -6.44 -9.39
CA LYS A 269 -19.66 -5.91 -10.27
C LYS A 269 -20.23 -5.74 -11.68
N PHE A 270 -19.57 -4.90 -12.49
CA PHE A 270 -20.03 -4.73 -13.86
C PHE A 270 -19.85 -6.01 -14.68
N ARG A 271 -18.90 -6.86 -14.30
CA ARG A 271 -18.74 -8.14 -14.98
C ARG A 271 -19.97 -9.01 -14.74
N GLU A 272 -20.44 -9.08 -13.49
CA GLU A 272 -21.61 -9.91 -13.17
C GLU A 272 -22.88 -9.36 -13.79
N LEU A 273 -23.00 -8.04 -13.90
CA LEU A 273 -24.21 -7.45 -14.48
C LEU A 273 -24.34 -7.79 -15.97
N ILE A 274 -23.23 -7.85 -16.69
CA ILE A 274 -23.26 -8.24 -18.09
C ILE A 274 -23.80 -9.65 -18.22
N ILE A 275 -23.30 -10.56 -17.38
CA ILE A 275 -23.66 -11.96 -17.49
C ILE A 275 -25.13 -12.16 -17.18
N GLU A 276 -25.61 -11.58 -16.08
CA GLU A 276 -26.99 -11.81 -15.64
C GLU A 276 -27.99 -11.17 -16.60
N PHE A 277 -27.70 -9.97 -17.09
CA PHE A 277 -28.60 -9.31 -18.03
C PHE A 277 -28.55 -9.93 -19.42
N SER A 278 -27.43 -10.57 -19.77
CA SER A 278 -27.35 -11.26 -21.05
C SER A 278 -28.16 -12.54 -21.04
N LYS A 279 -28.23 -13.20 -19.88
CA LYS A 279 -29.05 -14.41 -19.78
C LYS A 279 -30.53 -14.07 -19.93
N MET A 280 -30.93 -12.91 -19.41
CA MET A 280 -32.33 -12.49 -19.50
C MET A 280 -32.70 -12.01 -20.89
N ALA A 281 -31.72 -11.50 -21.66
CA ALA A 281 -32.01 -11.03 -23.01
C ALA A 281 -32.32 -12.17 -23.98
N ARG A 282 -31.92 -13.41 -23.67
CA ARG A 282 -32.22 -14.53 -24.54
C ARG A 282 -33.63 -15.07 -24.35
N ASP A 283 -34.36 -14.61 -23.33
CA ASP A 283 -35.77 -14.92 -23.15
C ASP A 283 -36.44 -13.71 -22.53
N PRO A 284 -36.62 -12.64 -23.31
CA PRO A 284 -37.00 -11.36 -22.71
C PRO A 284 -38.41 -11.29 -22.14
N GLN A 285 -39.37 -12.05 -22.68
CA GLN A 285 -40.73 -11.97 -22.15
C GLN A 285 -40.86 -12.53 -20.75
N ARG A 286 -39.95 -13.39 -20.29
CA ARG A 286 -40.06 -13.86 -18.92
C ARG A 286 -39.80 -12.72 -17.94
N TYR A 287 -38.84 -11.86 -18.25
CA TYR A 287 -38.33 -10.91 -17.27
C TYR A 287 -38.94 -9.51 -17.41
N LEU A 288 -39.55 -9.20 -18.55
CA LEU A 288 -40.24 -7.93 -18.72
C LEU A 288 -41.65 -8.17 -19.26
N VAL A 289 -42.64 -7.64 -18.54
CA VAL A 289 -44.04 -7.68 -18.95
C VAL A 289 -44.37 -6.34 -19.60
N ILE A 290 -44.54 -6.34 -20.92
CA ILE A 290 -44.70 -5.13 -21.70
C ILE A 290 -45.91 -5.23 -22.61
N GLN A 291 -46.64 -4.13 -22.73
CA GLN A 291 -47.89 -4.07 -23.50
C GLN A 291 -47.63 -4.28 -24.99
N GLY A 292 -48.21 -5.34 -25.53
CA GLY A 292 -48.01 -5.68 -26.92
C GLY A 292 -46.60 -6.13 -27.23
N ASP A 293 -45.96 -6.84 -26.31
CA ASP A 293 -44.54 -7.16 -26.45
C ASP A 293 -44.28 -8.06 -27.66
N GLU A 294 -45.14 -9.05 -27.85
CA GLU A 294 -44.98 -10.01 -28.95
C GLU A 294 -44.97 -9.34 -30.31
N ASN A 305 -27.90 -5.71 -42.85
CA ASN A 305 -27.82 -5.24 -41.47
C ASN A 305 -28.09 -3.74 -41.38
N PHE A 306 -28.04 -3.22 -40.15
CA PHE A 306 -28.30 -1.80 -39.89
C PHE A 306 -27.07 -1.01 -40.34
N TYR A 307 -26.95 -0.77 -41.64
CA TYR A 307 -25.78 -0.09 -42.19
C TYR A 307 -26.19 1.23 -42.85
N ARG A 308 -25.80 2.33 -42.19
CA ARG A 308 -26.06 3.71 -42.67
C ARG A 308 -27.48 4.14 -42.29
N ALA A 309 -27.72 4.43 -41.01
CA ALA A 309 -29.07 4.82 -40.54
C ALA A 309 -29.02 6.14 -39.76
N LEU A 310 -29.97 7.03 -40.03
CA LEU A 310 -29.98 8.37 -39.38
C LEU A 310 -31.38 8.74 -38.92
N MET A 311 -31.47 9.75 -38.07
CA MET A 311 -32.77 10.28 -37.63
C MET A 311 -32.75 11.79 -37.70
N ASP A 312 -31.98 12.47 -36.87
CA ASP A 312 -32.06 13.95 -36.95
C ASP A 312 -30.89 14.48 -37.74
N GLU A 313 -30.02 13.62 -38.26
CA GLU A 313 -28.98 14.17 -39.11
C GLU A 313 -29.55 14.94 -40.29
N GLU A 314 -30.84 14.81 -40.54
CA GLU A 314 -31.55 15.62 -41.52
C GLU A 314 -32.35 16.70 -40.79
N ASP A 315 -33.66 16.47 -40.64
CA ASP A 315 -34.52 17.34 -39.85
C ASP A 315 -35.17 16.59 -38.68
N ALA B 11 18.80 -16.21 -20.58
CA ALA B 11 18.76 -16.12 -22.02
C ALA B 11 17.45 -16.67 -22.57
N LEU B 12 16.57 -17.12 -21.69
CA LEU B 12 15.25 -17.59 -22.08
C LEU B 12 14.18 -16.51 -21.96
N LEU B 13 14.51 -15.36 -21.38
CA LEU B 13 13.63 -14.20 -21.40
C LEU B 13 14.00 -13.38 -22.63
N ARG B 14 13.01 -13.13 -23.48
CA ARG B 14 13.21 -12.46 -24.76
C ARG B 14 12.87 -10.98 -24.60
N ILE B 15 13.84 -10.12 -24.91
CA ILE B 15 13.67 -8.69 -24.73
C ILE B 15 13.12 -8.09 -26.03
N LEU B 16 11.87 -7.65 -25.95
CA LEU B 16 11.19 -7.11 -27.11
C LEU B 16 11.35 -5.60 -27.13
N LYS B 17 11.41 -5.07 -28.34
CA LYS B 17 11.31 -3.64 -28.56
C LYS B 17 9.84 -3.25 -28.68
N GLU B 18 9.57 -1.98 -28.43
CA GLU B 18 8.22 -1.47 -28.49
C GLU B 18 7.59 -1.62 -29.87
N THR B 19 8.42 -1.79 -30.91
CA THR B 19 7.94 -1.81 -32.29
C THR B 19 7.70 -3.23 -32.83
N GLU B 20 7.62 -4.24 -31.98
CA GLU B 20 7.39 -5.59 -32.48
C GLU B 20 6.20 -6.29 -31.82
N PHE B 21 5.33 -5.57 -31.12
CA PHE B 21 4.09 -6.14 -30.63
C PHE B 21 3.05 -5.04 -30.50
N LYS B 22 1.78 -5.44 -30.62
CA LYS B 22 0.66 -4.52 -30.60
C LYS B 22 -0.40 -5.06 -29.65
N LYS B 23 -1.05 -4.18 -28.90
CA LYS B 23 -2.21 -4.56 -28.13
C LYS B 23 -3.46 -4.36 -28.98
N ILE B 24 -4.37 -5.32 -28.90
CA ILE B 24 -5.56 -5.36 -29.74
C ILE B 24 -6.83 -5.15 -28.93
N LYS B 25 -6.99 -5.91 -27.83
CA LYS B 25 -8.21 -5.87 -27.05
C LYS B 25 -7.87 -6.05 -25.58
N VAL B 26 -8.65 -5.40 -24.72
CA VAL B 26 -8.47 -5.53 -23.28
C VAL B 26 -9.26 -6.74 -22.80
N LEU B 27 -8.63 -7.58 -22.00
CA LEU B 27 -9.26 -8.79 -21.48
C LEU B 27 -9.69 -8.66 -20.03
N GLY B 28 -9.04 -7.79 -19.27
CA GLY B 28 -9.34 -7.61 -17.87
C GLY B 28 -8.24 -6.81 -17.21
N SER B 29 -8.46 -6.50 -15.94
CA SER B 29 -7.54 -5.71 -15.14
C SER B 29 -7.12 -6.47 -13.89
N GLY B 30 -6.10 -5.94 -13.24
CA GLY B 30 -5.62 -6.44 -11.98
C GLY B 30 -5.20 -5.30 -11.08
N ALA B 31 -4.70 -5.65 -9.90
CA ALA B 31 -4.25 -4.68 -8.92
C ALA B 31 -2.83 -4.22 -9.24
N PHE B 32 -2.10 -4.99 -10.06
CA PHE B 32 -0.74 -4.66 -10.40
C PHE B 32 -0.57 -4.23 -11.86
N GLY B 33 -1.64 -4.22 -12.66
CA GLY B 33 -1.60 -3.70 -14.01
C GLY B 33 -2.74 -4.24 -14.83
N THR B 34 -2.82 -3.76 -16.07
CA THR B 34 -3.88 -4.14 -17.01
C THR B 34 -3.41 -5.20 -18.01
N VAL B 35 -4.27 -6.16 -18.30
CA VAL B 35 -3.95 -7.27 -19.18
C VAL B 35 -4.64 -7.06 -20.52
N TYR B 36 -3.85 -7.10 -21.60
CA TYR B 36 -4.33 -6.91 -22.95
C TYR B 36 -4.15 -8.21 -23.73
N LYS B 37 -4.92 -8.33 -24.82
CA LYS B 37 -4.69 -9.36 -25.82
C LYS B 37 -3.93 -8.75 -26.99
N GLY B 38 -2.93 -9.46 -27.48
CA GLY B 38 -2.08 -8.89 -28.51
C GLY B 38 -1.39 -9.91 -29.37
N LEU B 39 -0.45 -9.42 -30.18
CA LEU B 39 0.27 -10.22 -31.16
C LEU B 39 1.73 -9.82 -31.19
N TRP B 40 2.62 -10.81 -31.36
CA TRP B 40 4.06 -10.59 -31.31
C TRP B 40 4.73 -11.14 -32.55
N ILE B 41 5.48 -10.29 -33.26
CA ILE B 41 6.28 -10.69 -34.41
C ILE B 41 7.74 -10.37 -34.10
N PRO B 42 8.54 -11.37 -33.73
CA PRO B 42 9.95 -11.13 -33.37
C PRO B 42 10.78 -10.60 -34.52
N GLU B 43 11.94 -10.06 -34.16
CA GLU B 43 12.83 -9.44 -35.13
C GLU B 43 13.26 -10.44 -36.19
N GLY B 44 13.06 -10.08 -37.45
CA GLY B 44 13.45 -10.87 -38.60
C GLY B 44 12.70 -12.17 -38.82
N GLU B 45 12.23 -12.79 -37.73
CA GLU B 45 11.41 -13.98 -37.87
C GLU B 45 10.10 -13.64 -38.56
N LYS B 46 9.72 -14.44 -39.56
CA LYS B 46 8.49 -14.18 -40.31
C LYS B 46 7.33 -15.02 -39.76
N VAL B 47 7.08 -14.86 -38.47
CA VAL B 47 6.03 -15.59 -37.78
C VAL B 47 5.23 -14.64 -36.92
N LYS B 48 3.94 -14.94 -36.78
CA LYS B 48 3.06 -14.24 -35.86
C LYS B 48 2.76 -15.14 -34.66
N ILE B 49 2.90 -14.59 -33.47
CA ILE B 49 2.74 -15.35 -32.23
C ILE B 49 1.65 -14.67 -31.39
N PRO B 50 0.53 -15.32 -31.13
CA PRO B 50 -0.50 -14.73 -30.25
C PRO B 50 -0.03 -14.69 -28.80
N VAL B 51 -0.17 -13.53 -28.18
CA VAL B 51 0.35 -13.30 -26.84
C VAL B 51 -0.68 -12.56 -26.00
N ALA B 52 -0.48 -12.62 -24.68
CA ALA B 52 -1.21 -11.81 -23.71
C ALA B 52 -0.23 -10.79 -23.12
N ILE B 53 -0.64 -9.53 -23.06
CA ILE B 53 0.24 -8.45 -22.63
C ILE B 53 -0.31 -7.84 -21.34
N LYS B 54 0.48 -7.90 -20.27
CA LYS B 54 0.15 -7.24 -19.01
C LYS B 54 1.04 -6.01 -18.88
N GLU B 55 0.46 -4.83 -19.16
CA GLU B 55 1.15 -3.57 -19.00
C GLU B 55 0.96 -3.08 -17.57
N LEU B 56 2.06 -2.82 -16.87
CA LEU B 56 1.92 -2.40 -15.48
C LEU B 56 1.37 -0.98 -15.43
N ARG B 57 0.99 -0.56 -14.22
CA ARG B 57 0.58 0.81 -13.99
C ARG B 57 1.63 1.64 -13.26
N GLU B 58 2.57 0.97 -12.61
CA GLU B 58 3.63 1.61 -11.85
C GLU B 58 4.72 2.05 -12.83
N ALA B 59 4.94 3.35 -12.99
CA ALA B 59 6.05 3.77 -13.84
C ALA B 59 7.33 3.36 -13.13
N THR B 60 8.06 2.42 -13.70
CA THR B 60 9.17 1.81 -12.99
C THR B 60 10.42 2.66 -13.05
N SER B 61 11.37 2.34 -12.17
CA SER B 61 12.64 3.04 -12.20
C SER B 61 13.72 2.10 -12.73
N PRO B 62 14.71 2.62 -13.46
CA PRO B 62 15.75 1.75 -14.05
C PRO B 62 16.41 0.79 -13.06
N LYS B 63 16.66 1.24 -11.82
CA LYS B 63 17.27 0.38 -10.83
C LYS B 63 16.27 -0.59 -10.23
N ALA B 64 15.03 -0.13 -10.02
CA ALA B 64 13.98 -1.05 -9.57
C ALA B 64 13.63 -2.04 -10.67
N ASN B 65 13.78 -1.63 -11.93
CA ASN B 65 13.60 -2.54 -13.06
C ASN B 65 14.54 -3.73 -12.96
N LYS B 66 15.73 -3.53 -12.40
CA LYS B 66 16.66 -4.64 -12.25
C LYS B 66 16.08 -5.70 -11.32
N GLU B 67 15.32 -5.27 -10.31
CA GLU B 67 14.64 -6.24 -9.45
C GLU B 67 13.53 -6.95 -10.22
N ILE B 68 12.84 -6.22 -11.09
CA ILE B 68 11.83 -6.84 -11.95
C ILE B 68 12.47 -7.90 -12.84
N LEU B 69 13.60 -7.54 -13.46
CA LEU B 69 14.27 -8.45 -14.37
C LEU B 69 14.79 -9.70 -13.66
N ASP B 70 15.38 -9.51 -12.46
CA ASP B 70 15.93 -10.65 -11.74
C ASP B 70 14.85 -11.67 -11.42
N GLU B 71 13.64 -11.18 -11.17
CA GLU B 71 12.48 -12.00 -10.88
C GLU B 71 11.86 -12.61 -12.14
N ALA B 72 12.03 -11.96 -13.29
CA ALA B 72 11.45 -12.43 -14.54
C ALA B 72 12.25 -13.55 -15.21
N TYR B 73 13.53 -13.72 -14.89
CA TYR B 73 14.31 -14.79 -15.49
C TYR B 73 14.03 -16.15 -14.87
N VAL B 74 13.68 -16.21 -13.58
CA VAL B 74 13.36 -17.50 -13.00
C VAL B 74 11.98 -17.96 -13.45
N MET B 75 11.08 -17.04 -13.76
CA MET B 75 9.77 -17.38 -14.29
C MET B 75 9.77 -17.54 -15.81
N ALA B 76 10.90 -17.27 -16.46
CA ALA B 76 11.09 -17.62 -17.86
C ALA B 76 11.80 -18.95 -18.02
N SER B 77 12.20 -19.59 -16.91
CA SER B 77 12.96 -20.83 -16.94
C SER B 77 12.13 -22.05 -16.58
N VAL B 78 10.83 -21.90 -16.32
CA VAL B 78 9.99 -23.04 -16.00
C VAL B 78 9.65 -23.79 -17.28
N ASP B 79 9.61 -25.13 -17.20
CA ASP B 79 9.32 -25.96 -18.36
C ASP B 79 8.53 -27.19 -17.89
N ASN B 80 7.21 -27.04 -17.82
CA ASN B 80 6.30 -28.11 -17.46
C ASN B 80 5.06 -27.96 -18.33
N PRO B 81 4.47 -29.07 -18.77
CA PRO B 81 3.27 -28.97 -19.62
C PRO B 81 2.12 -28.20 -18.97
N HIS B 82 2.05 -28.18 -17.63
CA HIS B 82 0.94 -27.56 -16.91
C HIS B 82 1.37 -26.31 -16.14
N VAL B 83 2.46 -25.66 -16.55
CA VAL B 83 2.91 -24.41 -15.95
C VAL B 83 3.18 -23.41 -17.07
N CYS B 84 2.69 -22.19 -16.89
CA CYS B 84 2.89 -21.14 -17.89
C CYS B 84 4.26 -20.50 -17.72
N ARG B 85 4.94 -20.25 -18.83
CA ARG B 85 6.28 -19.67 -18.84
C ARG B 85 6.20 -18.24 -19.35
N LEU B 86 6.88 -17.33 -18.66
CA LEU B 86 6.95 -15.94 -19.12
C LEU B 86 7.86 -15.86 -20.34
N LEU B 87 7.33 -15.31 -21.43
CA LEU B 87 8.02 -15.35 -22.72
C LEU B 87 8.91 -14.13 -22.96
N GLY B 88 8.45 -12.94 -22.62
CA GLY B 88 9.23 -11.75 -22.91
C GLY B 88 8.77 -10.55 -22.11
N ILE B 89 9.67 -9.59 -21.99
CA ILE B 89 9.43 -8.35 -21.26
C ILE B 89 9.90 -7.19 -22.14
N CYS B 90 9.13 -6.10 -22.12
CA CYS B 90 9.47 -4.88 -22.85
C CYS B 90 9.57 -3.73 -21.87
N LEU B 91 10.72 -3.06 -21.87
CA LEU B 91 11.02 -2.01 -20.89
C LEU B 91 10.82 -0.66 -21.58
N THR B 92 9.66 -0.05 -21.33
CA THR B 92 9.36 1.28 -21.85
C THR B 92 9.15 2.27 -20.71
N SER B 93 8.20 3.20 -20.89
CA SER B 93 7.75 4.00 -19.76
C SER B 93 6.84 3.22 -18.84
N THR B 94 6.36 2.07 -19.28
CA THR B 94 5.60 1.13 -18.47
C THR B 94 6.07 -0.27 -18.83
N VAL B 95 6.32 -1.10 -17.83
CA VAL B 95 6.81 -2.44 -18.12
C VAL B 95 5.63 -3.28 -18.59
N GLN B 96 5.86 -4.04 -19.66
CA GLN B 96 4.84 -4.89 -20.25
C GLN B 96 5.36 -6.32 -20.27
N LEU B 97 4.60 -7.22 -19.67
CA LEU B 97 4.98 -8.63 -19.58
C LEU B 97 4.20 -9.40 -20.63
N ILE B 98 4.90 -10.30 -21.33
CA ILE B 98 4.35 -11.02 -22.46
C ILE B 98 4.38 -12.51 -22.13
N MET B 99 3.21 -13.16 -22.25
CA MET B 99 3.10 -14.59 -22.05
C MET B 99 2.20 -15.16 -23.13
N GLN B 100 2.09 -16.48 -23.14
CA GLN B 100 1.31 -17.18 -24.14
C GLN B 100 -0.18 -16.87 -23.95
N LEU B 101 -0.90 -16.76 -25.06
CA LEU B 101 -2.33 -16.48 -25.02
C LEU B 101 -3.10 -17.78 -24.84
N MET B 102 -3.97 -17.82 -23.83
CA MET B 102 -4.82 -18.98 -23.61
C MET B 102 -6.22 -18.67 -24.12
N PRO B 103 -6.56 -19.08 -25.36
CA PRO B 103 -7.79 -18.57 -25.99
C PRO B 103 -9.07 -18.92 -25.25
N PHE B 104 -9.05 -19.88 -24.33
CA PHE B 104 -10.26 -20.24 -23.59
C PHE B 104 -10.40 -19.49 -22.28
N GLY B 105 -9.37 -18.77 -21.85
CA GLY B 105 -9.43 -18.02 -20.62
C GLY B 105 -9.07 -18.84 -19.39
N CYS B 106 -9.58 -18.37 -18.25
CA CYS B 106 -9.30 -18.97 -16.96
C CYS B 106 -10.31 -20.05 -16.62
N LEU B 107 -9.91 -20.94 -15.71
CA LEU B 107 -10.75 -22.07 -15.33
C LEU B 107 -11.94 -21.63 -14.47
N LEU B 108 -11.80 -20.52 -13.74
CA LEU B 108 -12.90 -20.05 -12.90
C LEU B 108 -14.10 -19.63 -13.74
N ASP B 109 -13.89 -18.77 -14.71
CA ASP B 109 -15.02 -18.28 -15.52
C ASP B 109 -15.48 -19.38 -16.47
N TYR B 110 -14.62 -20.36 -16.75
CA TYR B 110 -15.02 -21.47 -17.60
C TYR B 110 -16.03 -22.37 -16.89
N VAL B 111 -15.72 -22.80 -15.66
CA VAL B 111 -16.62 -23.69 -14.94
C VAL B 111 -17.94 -22.99 -14.64
N ARG B 112 -17.91 -21.66 -14.47
CA ARG B 112 -19.14 -20.91 -14.29
C ARG B 112 -19.96 -20.85 -15.57
N GLU B 113 -19.30 -20.86 -16.74
CA GLU B 113 -20.01 -20.72 -17.99
C GLU B 113 -20.61 -22.03 -18.48
N HIS B 114 -19.97 -23.16 -18.19
CA HIS B 114 -20.50 -24.48 -18.52
C HIS B 114 -20.89 -25.25 -17.26
N LYS B 115 -21.56 -24.57 -16.32
CA LYS B 115 -21.97 -25.22 -15.08
C LYS B 115 -22.76 -26.49 -15.34
N ASP B 116 -23.63 -26.48 -16.36
CA ASP B 116 -24.54 -27.57 -16.64
C ASP B 116 -24.03 -28.52 -17.73
N ASN B 117 -22.75 -28.41 -18.12
CA ASN B 117 -22.25 -29.18 -19.24
C ASN B 117 -20.85 -29.76 -18.99
N ILE B 118 -20.40 -29.83 -17.74
CA ILE B 118 -19.10 -30.40 -17.38
C ILE B 118 -19.32 -31.75 -16.73
N GLY B 119 -18.62 -32.78 -17.22
CA GLY B 119 -18.74 -34.11 -16.66
C GLY B 119 -17.68 -34.39 -15.61
N SER B 120 -17.82 -35.55 -14.96
CA SER B 120 -16.90 -35.93 -13.89
C SER B 120 -15.50 -36.16 -14.42
N GLN B 121 -15.36 -36.62 -15.67
CA GLN B 121 -14.05 -36.87 -16.23
C GLN B 121 -13.22 -35.60 -16.33
N TYR B 122 -13.84 -34.50 -16.76
CA TYR B 122 -13.11 -33.24 -16.89
C TYR B 122 -12.71 -32.68 -15.53
N LEU B 123 -13.61 -32.75 -14.54
CA LEU B 123 -13.34 -32.17 -13.23
C LEU B 123 -12.17 -32.87 -12.53
N LEU B 124 -12.14 -34.20 -12.57
CA LEU B 124 -11.07 -34.94 -11.89
C LEU B 124 -9.74 -34.78 -12.61
N ASN B 125 -9.77 -34.72 -13.95
CA ASN B 125 -8.53 -34.50 -14.69
C ASN B 125 -7.97 -33.10 -14.46
N TRP B 126 -8.84 -32.11 -14.28
CA TRP B 126 -8.37 -30.76 -13.93
C TRP B 126 -7.63 -30.76 -12.60
N CYS B 127 -8.11 -31.56 -11.64
CA CYS B 127 -7.42 -31.64 -10.35
C CYS B 127 -6.04 -32.25 -10.50
N VAL B 128 -5.91 -33.26 -11.37
CA VAL B 128 -4.62 -33.91 -11.59
C VAL B 128 -3.65 -32.97 -12.28
N GLN B 129 -4.14 -32.19 -13.25
CA GLN B 129 -3.26 -31.30 -14.01
C GLN B 129 -2.75 -30.16 -13.15
N ILE B 130 -3.59 -29.63 -12.25
CA ILE B 130 -3.14 -28.57 -11.37
C ILE B 130 -2.13 -29.09 -10.36
N ALA B 131 -2.35 -30.31 -9.85
CA ALA B 131 -1.43 -30.88 -8.89
C ALA B 131 -0.08 -31.19 -9.53
N LYS B 132 -0.07 -31.61 -10.79
CA LYS B 132 1.20 -31.82 -11.49
C LYS B 132 1.96 -30.52 -11.67
N GLY B 133 1.26 -29.44 -12.01
CA GLY B 133 1.93 -28.15 -12.17
C GLY B 133 2.42 -27.59 -10.86
N MET B 134 1.66 -27.81 -9.78
CA MET B 134 2.09 -27.34 -8.47
C MET B 134 3.22 -28.19 -7.90
N ASN B 135 3.26 -29.48 -8.24
CA ASN B 135 4.36 -30.32 -7.79
C ASN B 135 5.65 -29.98 -8.50
N TYR B 136 5.57 -29.59 -9.77
CA TYR B 136 6.75 -29.17 -10.50
C TYR B 136 7.32 -27.89 -9.89
N LEU B 137 6.45 -26.95 -9.51
CA LEU B 137 6.91 -25.77 -8.80
C LEU B 137 7.60 -26.14 -7.49
N GLU B 138 7.17 -27.24 -6.86
CA GLU B 138 7.83 -27.71 -5.66
C GLU B 138 9.21 -28.27 -5.99
N ASP B 139 9.33 -28.96 -7.12
CA ASP B 139 10.64 -29.48 -7.53
C ASP B 139 11.60 -28.33 -7.77
N ARG B 140 11.09 -27.23 -8.34
CA ARG B 140 11.82 -26.03 -8.70
C ARG B 140 12.02 -25.06 -7.53
N ARG B 141 11.58 -25.45 -6.33
CA ARG B 141 11.69 -24.61 -5.13
C ARG B 141 11.10 -23.22 -5.35
N LEU B 142 9.87 -23.19 -5.86
CA LEU B 142 9.10 -21.96 -6.04
C LEU B 142 7.75 -22.10 -5.37
N VAL B 143 7.42 -21.16 -4.50
CA VAL B 143 6.11 -21.12 -3.83
C VAL B 143 5.17 -20.24 -4.65
N HIS B 144 3.97 -20.75 -4.92
CA HIS B 144 3.01 -20.00 -5.74
C HIS B 144 2.51 -18.76 -5.02
N ARG B 145 1.94 -18.94 -3.83
CA ARG B 145 1.44 -17.92 -2.90
C ARG B 145 0.05 -17.39 -3.28
N ASP B 146 -0.50 -17.73 -4.43
CA ASP B 146 -1.79 -17.18 -4.86
C ASP B 146 -2.53 -18.17 -5.76
N LEU B 147 -2.62 -19.42 -5.31
CA LEU B 147 -3.33 -20.44 -6.07
C LEU B 147 -4.84 -20.23 -5.96
N ALA B 148 -5.52 -20.16 -7.09
CA ALA B 148 -6.97 -19.98 -7.13
C ALA B 148 -7.46 -20.35 -8.52
N ALA B 149 -8.78 -20.56 -8.61
CA ALA B 149 -9.39 -20.91 -9.89
C ALA B 149 -9.25 -19.80 -10.92
N ARG B 150 -9.06 -18.55 -10.47
CA ARG B 150 -8.84 -17.44 -11.38
C ARG B 150 -7.47 -17.49 -12.03
N ASN B 151 -6.51 -18.19 -11.42
CA ASN B 151 -5.14 -18.23 -11.90
C ASN B 151 -4.80 -19.56 -12.57
N VAL B 152 -5.81 -20.32 -12.99
CA VAL B 152 -5.60 -21.51 -13.82
C VAL B 152 -6.19 -21.21 -15.19
N LEU B 153 -5.35 -21.19 -16.21
CA LEU B 153 -5.76 -20.84 -17.56
C LEU B 153 -6.03 -22.10 -18.38
N VAL B 154 -6.97 -21.98 -19.31
CA VAL B 154 -7.41 -23.08 -20.16
C VAL B 154 -6.84 -22.87 -21.56
N LYS B 155 -6.01 -23.81 -22.01
CA LYS B 155 -5.51 -23.82 -23.38
C LYS B 155 -6.47 -24.56 -24.30
N THR B 156 -6.79 -25.80 -23.95
CA THR B 156 -7.87 -26.60 -24.51
C THR B 156 -8.63 -27.21 -23.36
N PRO B 157 -9.88 -27.64 -23.57
CA PRO B 157 -10.65 -28.22 -22.46
C PRO B 157 -9.95 -29.35 -21.71
N GLN B 158 -9.00 -30.03 -22.34
CA GLN B 158 -8.27 -31.11 -21.71
C GLN B 158 -6.85 -30.71 -21.28
N HIS B 159 -6.52 -29.41 -21.28
CA HIS B 159 -5.17 -28.98 -20.95
C HIS B 159 -5.24 -27.62 -20.26
N VAL B 160 -4.85 -27.59 -18.99
CA VAL B 160 -4.81 -26.37 -18.19
C VAL B 160 -3.40 -26.17 -17.66
N LYS B 161 -3.07 -24.92 -17.35
CA LYS B 161 -1.74 -24.54 -16.88
C LYS B 161 -1.85 -23.46 -15.81
N ILE B 162 -0.92 -23.49 -14.86
CA ILE B 162 -0.89 -22.56 -13.74
C ILE B 162 -0.15 -21.29 -14.15
N THR B 163 -0.58 -20.15 -13.63
CA THR B 163 -0.01 -18.85 -13.99
C THR B 163 0.10 -17.96 -12.77
N ASP B 164 0.80 -16.84 -12.95
CA ASP B 164 0.99 -15.81 -11.93
C ASP B 164 1.46 -16.42 -10.61
N PHE B 165 2.59 -17.13 -10.68
CA PHE B 165 3.22 -17.72 -9.52
C PHE B 165 4.46 -16.95 -9.13
N GLY B 166 4.83 -17.08 -7.85
CA GLY B 166 6.05 -16.48 -7.36
C GLY B 166 6.04 -14.98 -7.21
N LEU B 167 4.88 -14.38 -6.97
CA LEU B 167 4.76 -12.94 -6.79
C LEU B 167 4.82 -12.57 -5.31
N ALA B 168 5.42 -11.43 -5.03
CA ALA B 168 5.55 -10.96 -3.65
C ALA B 168 5.75 -9.44 -3.60
N LYS B 184 -6.60 -6.09 -1.90
CA LYS B 184 -7.55 -7.19 -1.74
C LYS B 184 -6.81 -8.52 -1.56
N VAL B 185 -6.21 -8.69 -0.39
CA VAL B 185 -5.45 -9.91 -0.08
C VAL B 185 -6.39 -11.12 -0.14
N PRO B 186 -6.05 -12.16 -0.90
CA PRO B 186 -6.96 -13.32 -0.98
C PRO B 186 -6.99 -14.13 0.30
N ILE B 187 -7.56 -13.53 1.35
CA ILE B 187 -7.56 -14.13 2.68
C ILE B 187 -8.28 -15.48 2.67
N LYS B 188 -9.36 -15.59 1.88
CA LYS B 188 -10.19 -16.79 1.90
C LYS B 188 -9.55 -17.97 1.18
N TRP B 189 -8.39 -17.78 0.54
CA TRP B 189 -7.62 -18.87 -0.03
C TRP B 189 -6.37 -19.20 0.76
N MET B 190 -5.98 -18.37 1.72
CA MET B 190 -4.73 -18.53 2.45
C MET B 190 -4.89 -19.53 3.60
N ALA B 191 -3.79 -20.24 3.88
CA ALA B 191 -3.73 -21.09 5.06
C ALA B 191 -3.73 -20.24 6.33
N LEU B 192 -4.02 -20.89 7.46
CA LEU B 192 -4.14 -20.16 8.72
C LEU B 192 -2.83 -19.54 9.15
N GLU B 193 -1.71 -20.25 8.98
CA GLU B 193 -0.41 -19.70 9.35
C GLU B 193 0.00 -18.54 8.45
N SER B 194 -0.53 -18.48 7.23
CA SER B 194 -0.26 -17.32 6.38
C SER B 194 -1.08 -16.11 6.81
N ILE B 195 -2.33 -16.34 7.21
CA ILE B 195 -3.19 -15.24 7.65
C ILE B 195 -2.63 -14.61 8.92
N LEU B 196 -2.11 -15.43 9.83
CA LEU B 196 -1.64 -14.97 11.14
C LEU B 196 -0.18 -14.55 11.14
N HIS B 197 0.69 -15.25 10.39
CA HIS B 197 2.13 -15.08 10.50
C HIS B 197 2.84 -14.74 9.19
N ARG B 198 2.12 -14.50 8.09
CA ARG B 198 2.76 -14.20 6.81
C ARG B 198 3.67 -15.35 6.37
N ILE B 199 3.32 -16.57 6.75
CA ILE B 199 4.13 -17.75 6.46
C ILE B 199 3.58 -18.43 5.21
N TYR B 200 4.43 -18.49 4.17
CA TYR B 200 4.08 -19.14 2.91
C TYR B 200 5.06 -20.26 2.64
N THR B 201 4.56 -21.48 2.57
CA THR B 201 5.34 -22.68 2.29
C THR B 201 4.64 -23.48 1.21
N HIS B 202 5.25 -24.59 0.81
CA HIS B 202 4.57 -25.52 -0.09
C HIS B 202 3.36 -26.16 0.59
N GLN B 203 3.35 -26.21 1.92
CA GLN B 203 2.21 -26.79 2.63
C GLN B 203 1.07 -25.79 2.77
N SER B 204 1.37 -24.49 2.81
CA SER B 204 0.32 -23.49 2.75
C SER B 204 -0.29 -23.41 1.35
N ASP B 205 0.49 -23.76 0.32
CA ASP B 205 -0.06 -23.88 -1.02
C ASP B 205 -1.06 -25.03 -1.11
N VAL B 206 -0.83 -26.10 -0.36
CA VAL B 206 -1.77 -27.22 -0.33
C VAL B 206 -3.13 -26.77 0.17
N TRP B 207 -3.15 -25.83 1.12
CA TRP B 207 -4.41 -25.26 1.58
C TRP B 207 -5.14 -24.57 0.42
N SER B 208 -4.41 -23.72 -0.33
CA SER B 208 -5.02 -23.05 -1.46
C SER B 208 -5.46 -24.04 -2.54
N TYR B 209 -4.73 -25.14 -2.69
CA TYR B 209 -5.16 -26.16 -3.65
C TYR B 209 -6.50 -26.76 -3.25
N GLY B 210 -6.70 -27.02 -1.97
CA GLY B 210 -7.98 -27.53 -1.51
C GLY B 210 -9.12 -26.57 -1.80
N VAL B 211 -8.89 -25.27 -1.60
CA VAL B 211 -9.91 -24.27 -1.92
C VAL B 211 -10.18 -24.25 -3.42
N THR B 212 -9.12 -24.37 -4.24
CA THR B 212 -9.28 -24.38 -5.68
C THR B 212 -10.16 -25.54 -6.14
N VAL B 213 -9.94 -26.73 -5.59
CA VAL B 213 -10.79 -27.87 -5.92
C VAL B 213 -12.22 -27.61 -5.50
N TRP B 214 -12.41 -26.96 -4.35
CA TRP B 214 -13.76 -26.60 -3.90
C TRP B 214 -14.44 -25.68 -4.90
N GLU B 215 -13.68 -24.71 -5.45
CA GLU B 215 -14.22 -23.83 -6.48
C GLU B 215 -14.69 -24.63 -7.68
N LEU B 216 -13.89 -25.60 -8.12
CA LEU B 216 -14.22 -26.36 -9.32
C LEU B 216 -15.43 -27.26 -9.08
N MET B 217 -15.50 -27.91 -7.91
CA MET B 217 -16.58 -28.85 -7.65
C MET B 217 -17.93 -28.17 -7.45
N THR B 218 -17.94 -26.88 -7.13
CA THR B 218 -19.17 -26.11 -7.03
C THR B 218 -19.43 -25.27 -8.27
N PHE B 219 -18.67 -25.49 -9.34
CA PHE B 219 -18.84 -24.78 -10.61
C PHE B 219 -18.67 -23.28 -10.42
N GLY B 220 -17.69 -22.90 -9.60
CA GLY B 220 -17.33 -21.51 -9.46
C GLY B 220 -18.03 -20.74 -8.35
N SER B 221 -18.49 -21.42 -7.31
CA SER B 221 -19.12 -20.70 -6.20
C SER B 221 -18.10 -19.90 -5.43
N LYS B 222 -18.55 -18.83 -4.79
CA LYS B 222 -17.62 -18.01 -4.02
C LYS B 222 -17.44 -18.57 -2.62
N PRO B 223 -16.21 -18.80 -2.18
CA PRO B 223 -15.99 -19.42 -0.86
C PRO B 223 -16.29 -18.45 0.26
N TYR B 224 -16.88 -18.99 1.34
CA TYR B 224 -17.26 -18.21 2.52
C TYR B 224 -18.11 -17.01 2.11
N ASP B 225 -19.08 -17.26 1.24
CA ASP B 225 -19.88 -16.18 0.67
C ASP B 225 -20.73 -15.51 1.73
N GLY B 226 -20.60 -14.18 1.83
CA GLY B 226 -21.35 -13.40 2.79
C GLY B 226 -20.63 -13.08 4.09
N ILE B 227 -19.45 -13.66 4.31
CA ILE B 227 -18.68 -13.46 5.54
C ILE B 227 -17.48 -12.59 5.22
N PRO B 228 -17.22 -11.54 5.99
CA PRO B 228 -16.07 -10.66 5.70
C PRO B 228 -14.75 -11.36 5.92
N ALA B 229 -13.73 -10.90 5.18
CA ALA B 229 -12.40 -11.51 5.28
C ALA B 229 -11.74 -11.23 6.62
N SER B 230 -12.14 -10.15 7.30
CA SER B 230 -11.58 -9.82 8.60
C SER B 230 -11.93 -10.84 9.68
N GLU B 231 -12.88 -11.73 9.44
CA GLU B 231 -13.31 -12.72 10.41
C GLU B 231 -12.95 -14.14 10.01
N ILE B 232 -12.27 -14.34 8.87
CA ILE B 232 -11.95 -15.68 8.40
C ILE B 232 -11.00 -16.38 9.37
N SER B 233 -10.01 -15.64 9.87
CA SER B 233 -9.10 -16.21 10.85
C SER B 233 -9.85 -16.68 12.09
N SER B 234 -10.91 -15.98 12.47
CA SER B 234 -11.67 -16.33 13.67
C SER B 234 -12.48 -17.61 13.47
N ILE B 235 -13.19 -17.74 12.33
CA ILE B 235 -14.02 -18.93 12.19
C ILE B 235 -13.16 -20.18 11.99
N LEU B 236 -11.97 -20.01 11.39
CA LEU B 236 -11.11 -21.16 11.13
C LEU B 236 -10.52 -21.71 12.43
N GLU B 237 -10.11 -20.82 13.34
CA GLU B 237 -9.52 -21.32 14.58
C GLU B 237 -10.55 -22.08 15.41
N LYS B 238 -11.83 -21.78 15.23
CA LYS B 238 -12.88 -22.50 15.94
C LYS B 238 -13.32 -23.78 15.23
N GLY B 239 -12.82 -24.03 14.03
CA GLY B 239 -12.96 -25.32 13.39
C GLY B 239 -13.90 -25.42 12.19
N GLU B 240 -14.41 -24.31 11.66
CA GLU B 240 -15.28 -24.39 10.51
C GLU B 240 -14.48 -24.42 9.21
N ARG B 241 -15.01 -25.12 8.22
CA ARG B 241 -14.41 -25.26 6.90
C ARG B 241 -15.49 -25.06 5.85
N LEU B 242 -15.05 -24.93 4.59
CA LEU B 242 -16.00 -24.83 3.49
C LEU B 242 -16.89 -26.07 3.46
N PRO B 243 -18.14 -25.93 3.04
CA PRO B 243 -19.06 -27.06 3.07
C PRO B 243 -18.73 -28.09 1.99
N GLN B 244 -19.42 -29.21 2.08
CA GLN B 244 -19.24 -30.30 1.12
C GLN B 244 -19.99 -29.98 -0.15
N PRO B 245 -19.33 -29.94 -1.31
CA PRO B 245 -20.04 -29.66 -2.56
C PRO B 245 -21.09 -30.73 -2.81
N PRO B 246 -22.25 -30.36 -3.35
CA PRO B 246 -23.32 -31.35 -3.54
C PRO B 246 -22.92 -32.54 -4.39
N ILE B 247 -22.03 -32.34 -5.36
CA ILE B 247 -21.66 -33.43 -6.28
C ILE B 247 -20.56 -34.33 -5.74
N CYS B 248 -19.92 -33.96 -4.63
CA CYS B 248 -18.78 -34.70 -4.11
C CYS B 248 -19.23 -35.82 -3.19
N THR B 249 -18.66 -37.01 -3.38
CA THR B 249 -18.73 -38.06 -2.39
C THR B 249 -17.76 -37.76 -1.24
N ILE B 250 -17.79 -38.62 -0.22
CA ILE B 250 -16.96 -38.35 0.96
C ILE B 250 -15.48 -38.52 0.65
N ASP B 251 -15.13 -39.40 -0.30
CA ASP B 251 -13.71 -39.61 -0.61
C ASP B 251 -13.07 -38.34 -1.17
N VAL B 252 -13.82 -37.59 -1.98
CA VAL B 252 -13.30 -36.32 -2.50
C VAL B 252 -13.29 -35.27 -1.40
N TYR B 253 -14.35 -35.24 -0.58
CA TYR B 253 -14.43 -34.22 0.46
C TYR B 253 -13.33 -34.41 1.51
N MET B 254 -12.98 -35.66 1.81
CA MET B 254 -11.93 -35.90 2.80
C MET B 254 -10.57 -35.47 2.28
N ILE B 255 -10.37 -35.45 0.97
CA ILE B 255 -9.14 -34.90 0.41
C ILE B 255 -9.07 -33.40 0.66
N MET B 256 -10.17 -32.70 0.42
CA MET B 256 -10.20 -31.25 0.60
C MET B 256 -10.04 -30.88 2.07
N ARG B 257 -10.61 -31.68 2.98
CA ARG B 257 -10.50 -31.39 4.40
C ARG B 257 -9.09 -31.63 4.92
N LYS B 258 -8.37 -32.60 4.34
CA LYS B 258 -6.99 -32.84 4.75
C LYS B 258 -6.07 -31.71 4.32
N CYS B 259 -6.44 -30.98 3.26
CA CYS B 259 -5.66 -29.82 2.85
C CYS B 259 -5.80 -28.65 3.82
N TRP B 260 -6.84 -28.65 4.65
CA TRP B 260 -7.15 -27.53 5.55
C TRP B 260 -6.84 -27.86 7.00
N MET B 261 -5.92 -28.78 7.24
CA MET B 261 -5.54 -29.13 8.61
C MET B 261 -4.69 -28.02 9.22
N ILE B 262 -4.81 -27.88 10.54
CA ILE B 262 -4.07 -26.83 11.25
C ILE B 262 -2.57 -27.07 11.16
N ASP B 263 -2.15 -28.31 11.39
CA ASP B 263 -0.74 -28.66 11.25
C ASP B 263 -0.39 -28.71 9.77
N ALA B 264 0.52 -27.83 9.34
CA ALA B 264 0.88 -27.77 7.93
C ALA B 264 1.55 -29.07 7.47
N ASP B 265 2.35 -29.67 8.35
CA ASP B 265 3.05 -30.90 8.02
C ASP B 265 2.16 -32.14 8.06
N SER B 266 0.88 -31.98 8.40
CA SER B 266 -0.08 -33.07 8.34
C SER B 266 -0.88 -33.07 7.04
N ARG B 267 -0.86 -31.96 6.30
CA ARG B 267 -1.53 -31.91 5.01
C ARG B 267 -0.79 -32.77 3.99
N PRO B 268 -1.51 -33.33 3.00
CA PRO B 268 -0.85 -34.14 1.99
C PRO B 268 0.13 -33.32 1.16
N LYS B 269 1.02 -34.03 0.47
CA LYS B 269 1.93 -33.42 -0.47
C LYS B 269 1.32 -33.41 -1.88
N PHE B 270 1.88 -32.56 -2.75
CA PHE B 270 1.35 -32.48 -4.10
C PHE B 270 1.57 -33.79 -4.88
N ARG B 271 2.62 -34.54 -4.56
CA ARG B 271 2.76 -35.85 -5.18
C ARG B 271 1.65 -36.80 -4.73
N GLU B 272 1.33 -36.78 -3.44
CA GLU B 272 0.26 -37.65 -2.95
C GLU B 272 -1.08 -37.24 -3.53
N LEU B 273 -1.28 -35.94 -3.76
CA LEU B 273 -2.52 -35.47 -4.35
C LEU B 273 -2.65 -35.93 -5.80
N ILE B 274 -1.53 -36.00 -6.53
CA ILE B 274 -1.56 -36.50 -7.90
C ILE B 274 -2.03 -37.95 -7.93
N ILE B 275 -1.47 -38.79 -7.05
CA ILE B 275 -1.79 -40.21 -7.06
C ILE B 275 -3.26 -40.43 -6.70
N GLU B 276 -3.72 -39.76 -5.65
CA GLU B 276 -5.09 -40.01 -5.17
C GLU B 276 -6.13 -39.53 -6.17
N PHE B 277 -5.90 -38.38 -6.80
CA PHE B 277 -6.83 -37.89 -7.81
C PHE B 277 -6.73 -38.67 -9.11
N SER B 278 -5.57 -39.27 -9.39
CA SER B 278 -5.44 -40.10 -10.58
C SER B 278 -6.16 -41.43 -10.40
N LYS B 279 -6.21 -41.93 -9.16
CA LYS B 279 -6.96 -43.14 -8.88
C LYS B 279 -8.45 -42.93 -9.09
N MET B 280 -8.95 -41.74 -8.75
CA MET B 280 -10.36 -41.43 -8.91
C MET B 280 -10.73 -41.11 -10.36
N ALA B 281 -9.79 -40.56 -11.14
CA ALA B 281 -10.08 -40.23 -12.53
C ALA B 281 -10.25 -41.47 -13.40
N ARG B 282 -9.77 -42.62 -12.94
CA ARG B 282 -9.92 -43.88 -13.64
C ARG B 282 -11.29 -44.50 -13.43
N ASP B 283 -12.06 -43.98 -12.48
CA ASP B 283 -13.44 -44.41 -12.25
C ASP B 283 -14.24 -43.20 -11.76
N PRO B 284 -14.53 -42.25 -12.66
CA PRO B 284 -15.14 -40.99 -12.22
C PRO B 284 -16.57 -41.14 -11.73
N GLN B 285 -17.28 -42.20 -12.14
CA GLN B 285 -18.68 -42.36 -11.76
C GLN B 285 -18.83 -42.59 -10.26
N ARG B 286 -17.82 -43.19 -9.62
CA ARG B 286 -17.91 -43.49 -8.19
C ARG B 286 -17.72 -42.25 -7.33
N TYR B 287 -16.82 -41.35 -7.71
CA TYR B 287 -16.35 -40.30 -6.81
C TYR B 287 -17.00 -38.95 -7.04
N LEU B 288 -17.59 -38.72 -8.21
CA LEU B 288 -18.35 -37.50 -8.47
C LEU B 288 -19.72 -37.90 -9.00
N VAL B 289 -20.76 -37.41 -8.33
CA VAL B 289 -22.14 -37.64 -8.75
C VAL B 289 -22.55 -36.42 -9.55
N ILE B 290 -22.58 -36.56 -10.87
CA ILE B 290 -22.90 -35.46 -11.79
C ILE B 290 -23.96 -35.99 -12.73
N GLN B 291 -25.00 -35.19 -12.96
CA GLN B 291 -26.12 -35.68 -13.76
C GLN B 291 -25.87 -35.57 -15.26
N GLY B 292 -26.28 -36.62 -15.97
CA GLY B 292 -25.99 -36.80 -17.38
C GLY B 292 -24.91 -37.84 -17.49
N ASP B 293 -23.67 -37.37 -17.59
CA ASP B 293 -22.51 -38.24 -17.72
C ASP B 293 -22.70 -39.33 -18.77
N ASN B 305 -4.38 -36.18 -32.48
CA ASN B 305 -4.94 -35.95 -31.15
C ASN B 305 -5.77 -34.68 -31.12
N PHE B 306 -5.71 -33.97 -30.00
CA PHE B 306 -6.51 -32.76 -29.81
C PHE B 306 -5.64 -31.52 -29.79
N TYR B 307 -4.89 -31.28 -30.87
CA TYR B 307 -4.02 -30.11 -30.95
C TYR B 307 -4.50 -29.22 -32.09
N ARG B 308 -4.18 -27.93 -31.97
CA ARG B 308 -4.67 -26.87 -32.86
C ARG B 308 -6.17 -26.68 -32.66
N ALA B 309 -6.56 -26.02 -31.56
CA ALA B 309 -7.95 -25.75 -31.24
C ALA B 309 -8.04 -24.39 -30.56
N LEU B 310 -9.09 -23.63 -30.88
CA LEU B 310 -9.21 -22.27 -30.40
C LEU B 310 -10.63 -22.01 -29.88
N MET B 311 -10.75 -20.90 -29.15
CA MET B 311 -12.00 -20.37 -28.59
C MET B 311 -13.05 -21.45 -28.27
N LEU C 12 13.21 -16.84 38.55
CA LEU C 12 13.96 -15.61 38.38
C LEU C 12 13.31 -14.72 37.34
N LEU C 13 12.28 -15.25 36.68
CA LEU C 13 11.45 -14.47 35.77
C LEU C 13 10.26 -13.93 36.54
N ARG C 14 10.08 -12.62 36.53
CA ARG C 14 9.02 -11.98 37.29
C ARG C 14 7.86 -11.62 36.37
N ILE C 15 6.68 -12.14 36.70
CA ILE C 15 5.46 -11.89 35.93
C ILE C 15 4.88 -10.58 36.45
N LEU C 16 4.91 -9.55 35.62
CA LEU C 16 4.55 -8.20 36.02
C LEU C 16 3.09 -7.91 35.71
N LYS C 17 2.50 -7.05 36.53
CA LYS C 17 1.18 -6.51 36.22
C LYS C 17 1.32 -5.32 35.29
N GLU C 18 0.29 -5.08 34.48
CA GLU C 18 0.32 -3.95 33.56
C GLU C 18 0.32 -2.63 34.31
N THR C 19 -0.11 -2.62 35.57
CA THR C 19 -0.16 -1.43 36.41
C THR C 19 1.10 -1.30 37.25
N GLU C 20 2.18 -1.98 36.84
CA GLU C 20 3.42 -2.02 37.60
C GLU C 20 4.63 -1.56 36.80
N PHE C 21 4.41 -1.04 35.59
CA PHE C 21 5.50 -0.44 34.80
C PHE C 21 4.91 0.51 33.78
N LYS C 22 5.73 1.48 33.37
CA LYS C 22 5.32 2.52 32.44
C LYS C 22 6.36 2.67 31.34
N LYS C 23 5.89 2.87 30.11
CA LYS C 23 6.75 3.24 29.00
C LYS C 23 6.81 4.76 28.90
N ILE C 24 8.01 5.28 28.65
CA ILE C 24 8.25 6.72 28.62
C ILE C 24 8.62 7.18 27.22
N LYS C 25 9.62 6.54 26.61
CA LYS C 25 10.14 6.91 25.31
C LYS C 25 10.57 5.63 24.60
N VAL C 26 10.25 5.54 23.31
CA VAL C 26 10.66 4.40 22.51
C VAL C 26 12.03 4.71 21.92
N LEU C 27 12.91 3.72 21.95
CA LEU C 27 14.29 3.89 21.51
C LEU C 27 14.50 3.40 20.08
N GLY C 28 13.64 2.50 19.60
CA GLY C 28 13.77 1.98 18.27
C GLY C 28 12.94 0.73 18.10
N SER C 29 13.01 0.19 16.89
CA SER C 29 12.41 -1.10 16.54
C SER C 29 13.53 -2.14 16.61
N GLY C 30 13.56 -2.92 17.68
CA GLY C 30 14.59 -3.93 17.88
C GLY C 30 14.42 -5.23 17.12
N ALA C 31 13.97 -6.27 17.82
CA ALA C 31 13.83 -7.61 17.25
C ALA C 31 12.40 -7.92 16.82
N PHE C 32 11.57 -8.33 17.77
CA PHE C 32 10.20 -8.75 17.53
C PHE C 32 9.19 -7.69 17.92
N GLY C 33 9.57 -6.42 17.83
CA GLY C 33 8.67 -5.35 18.24
C GLY C 33 9.43 -4.08 18.51
N THR C 34 8.74 -3.14 19.15
CA THR C 34 9.29 -1.83 19.48
C THR C 34 9.83 -1.83 20.91
N VAL C 35 10.98 -1.17 21.09
CA VAL C 35 11.68 -1.10 22.37
C VAL C 35 11.49 0.27 22.98
N TYR C 36 11.07 0.31 24.24
CA TYR C 36 10.81 1.55 24.97
C TYR C 36 11.80 1.69 26.11
N LYS C 37 11.97 2.92 26.58
CA LYS C 37 12.61 3.19 27.86
C LYS C 37 11.52 3.40 28.90
N GLY C 38 11.71 2.83 30.09
CA GLY C 38 10.65 2.88 31.07
C GLY C 38 11.13 2.73 32.48
N LEU C 39 10.17 2.51 33.38
CA LEU C 39 10.40 2.41 34.82
C LEU C 39 9.61 1.24 35.38
N TRP C 40 10.21 0.52 36.32
CA TRP C 40 9.58 -0.64 36.93
C TRP C 40 9.60 -0.47 38.43
N ILE C 41 8.43 -0.55 39.05
CA ILE C 41 8.24 -0.43 40.48
C ILE C 41 7.66 -1.74 41.00
N PRO C 42 8.46 -2.61 41.61
CA PRO C 42 7.95 -3.90 42.09
C PRO C 42 6.86 -3.70 43.12
N GLU C 43 6.03 -4.73 43.29
CA GLU C 43 4.85 -4.62 44.14
C GLU C 43 5.20 -4.28 45.58
N GLY C 44 4.89 -3.04 45.97
CA GLY C 44 5.08 -2.51 47.29
C GLY C 44 6.48 -2.01 47.62
N GLU C 45 7.52 -2.54 46.98
CA GLU C 45 8.88 -2.04 47.24
C GLU C 45 8.99 -0.57 46.83
N LYS C 46 9.76 0.18 47.62
CA LYS C 46 9.96 1.62 47.43
C LYS C 46 11.17 1.93 46.55
N VAL C 47 11.26 1.31 45.37
CA VAL C 47 12.37 1.55 44.45
C VAL C 47 11.84 1.68 43.02
N LYS C 48 12.46 2.58 42.25
CA LYS C 48 12.22 2.71 40.83
C LYS C 48 13.48 2.33 40.07
N ILE C 49 13.35 1.45 39.07
CA ILE C 49 14.49 0.98 38.29
C ILE C 49 14.23 1.20 36.81
N PRO C 50 15.12 1.94 36.10
CA PRO C 50 14.94 2.14 34.66
C PRO C 50 15.15 0.85 33.89
N VAL C 51 14.23 0.55 32.98
CA VAL C 51 14.23 -0.69 32.23
C VAL C 51 13.95 -0.40 30.77
N ALA C 52 14.26 -1.38 29.93
CA ALA C 52 13.87 -1.36 28.53
C ALA C 52 12.80 -2.43 28.31
N ILE C 53 11.70 -2.05 27.66
CA ILE C 53 10.56 -2.92 27.47
C ILE C 53 10.38 -3.15 25.98
N LYS C 54 10.46 -4.42 25.56
CA LYS C 54 10.24 -4.79 24.17
C LYS C 54 8.85 -5.41 24.06
N GLU C 55 7.91 -4.63 23.53
CA GLU C 55 6.56 -5.10 23.28
C GLU C 55 6.50 -5.76 21.91
N LEU C 56 5.93 -6.95 21.85
CA LEU C 56 5.91 -7.73 20.62
C LEU C 56 5.02 -7.05 19.58
N ARG C 57 5.00 -7.63 18.38
CA ARG C 57 4.10 -7.17 17.32
C ARG C 57 2.87 -8.03 17.17
N GLU C 58 3.05 -9.34 17.10
CA GLU C 58 1.92 -10.22 16.86
C GLU C 58 1.14 -10.52 18.15
N ALA C 59 -0.18 -10.52 18.03
CA ALA C 59 -1.04 -10.80 19.18
C ALA C 59 -0.84 -12.22 19.69
N THR C 60 -0.92 -12.37 21.00
CA THR C 60 -0.61 -13.63 21.67
C THR C 60 -1.80 -14.58 21.64
N SER C 61 -1.51 -15.83 21.96
CA SER C 61 -2.49 -16.90 22.05
C SER C 61 -2.13 -17.78 23.24
N PRO C 62 -3.12 -18.42 23.86
CA PRO C 62 -2.80 -19.29 25.01
C PRO C 62 -1.66 -20.25 24.75
N LYS C 63 -1.57 -20.77 23.52
CA LYS C 63 -0.51 -21.69 23.14
C LYS C 63 0.80 -20.97 22.88
N ALA C 64 0.75 -19.78 22.25
CA ALA C 64 1.97 -19.02 21.99
C ALA C 64 2.56 -18.44 23.26
N ASN C 65 1.73 -18.11 24.25
CA ASN C 65 2.26 -17.63 25.52
C ASN C 65 3.13 -18.69 26.20
N LYS C 66 2.79 -19.97 26.03
CA LYS C 66 3.57 -21.04 26.64
C LYS C 66 4.95 -21.17 26.03
N GLU C 67 5.08 -21.03 24.71
CA GLU C 67 6.41 -21.12 24.10
C GLU C 67 7.24 -19.88 24.39
N ILE C 68 6.62 -18.71 24.44
CA ILE C 68 7.34 -17.50 24.84
C ILE C 68 7.86 -17.66 26.26
N LEU C 69 7.00 -18.14 27.16
CA LEU C 69 7.38 -18.27 28.57
C LEU C 69 8.49 -19.30 28.75
N ASP C 70 8.39 -20.44 28.05
CA ASP C 70 9.42 -21.47 28.21
C ASP C 70 10.77 -20.94 27.78
N GLU C 71 10.79 -20.09 26.76
CA GLU C 71 12.03 -19.43 26.35
C GLU C 71 12.41 -18.27 27.26
N ALA C 72 11.43 -17.67 27.95
CA ALA C 72 11.73 -16.54 28.80
C ALA C 72 12.30 -16.95 30.15
N TYR C 73 12.09 -18.21 30.57
CA TYR C 73 12.65 -18.67 31.84
C TYR C 73 14.12 -19.02 31.71
N VAL C 74 14.56 -19.46 30.53
CA VAL C 74 15.96 -19.82 30.35
C VAL C 74 16.83 -18.57 30.27
N MET C 75 16.33 -17.51 29.63
CA MET C 75 17.10 -16.27 29.55
C MET C 75 17.10 -15.49 30.86
N ALA C 76 16.33 -15.93 31.85
CA ALA C 76 16.33 -15.33 33.18
C ALA C 76 17.26 -16.05 34.15
N SER C 77 17.88 -17.14 33.71
CA SER C 77 18.73 -17.96 34.57
C SER C 77 20.22 -17.74 34.32
N VAL C 78 20.58 -16.86 33.39
CA VAL C 78 21.99 -16.59 33.13
C VAL C 78 22.51 -15.64 34.19
N ASP C 79 23.77 -15.85 34.62
CA ASP C 79 24.38 -15.02 35.66
C ASP C 79 25.86 -14.87 35.29
N ASN C 80 26.15 -13.88 34.45
CA ASN C 80 27.51 -13.58 34.03
C ASN C 80 27.64 -12.06 33.90
N PRO C 81 28.79 -11.50 34.28
CA PRO C 81 28.95 -10.04 34.21
C PRO C 81 28.78 -9.47 32.80
N HIS C 82 29.06 -10.25 31.76
CA HIS C 82 29.03 -9.75 30.40
C HIS C 82 27.91 -10.37 29.57
N VAL C 83 26.85 -10.84 30.22
CA VAL C 83 25.67 -11.36 29.56
C VAL C 83 24.44 -10.72 30.21
N CYS C 84 23.51 -10.24 29.40
CA CYS C 84 22.31 -9.61 29.91
C CYS C 84 21.28 -10.67 30.32
N ARG C 85 20.64 -10.43 31.46
CA ARG C 85 19.66 -11.35 32.01
C ARG C 85 18.27 -10.77 31.83
N LEU C 86 17.33 -11.59 31.35
CA LEU C 86 15.96 -11.15 31.20
C LEU C 86 15.31 -11.04 32.58
N LEU C 87 14.75 -9.87 32.88
CA LEU C 87 14.28 -9.59 34.23
C LEU C 87 12.81 -9.94 34.42
N GLY C 88 11.96 -9.67 33.45
CA GLY C 88 10.54 -9.91 33.62
C GLY C 88 9.79 -9.96 32.33
N ILE C 89 8.60 -10.57 32.40
CA ILE C 89 7.71 -10.73 31.26
C ILE C 89 6.33 -10.31 31.69
N CYS C 90 5.63 -9.61 30.81
CA CYS C 90 4.24 -9.20 31.06
C CYS C 90 3.37 -9.75 29.93
N LEU C 91 2.36 -10.53 30.31
CA LEU C 91 1.51 -11.22 29.34
C LEU C 91 0.20 -10.44 29.24
N THR C 92 0.08 -9.64 28.18
CA THR C 92 -1.12 -8.86 27.92
C THR C 92 -1.76 -9.31 26.62
N SER C 93 -2.30 -8.38 25.84
CA SER C 93 -2.69 -8.70 24.47
C SER C 93 -1.47 -8.82 23.56
N THR C 94 -0.33 -8.28 24.00
CA THR C 94 0.97 -8.47 23.37
C THR C 94 1.97 -8.60 24.50
N VAL C 95 2.85 -9.57 24.41
CA VAL C 95 3.77 -9.82 25.52
C VAL C 95 4.86 -8.76 25.54
N GLN C 96 5.20 -8.28 26.73
CA GLN C 96 6.19 -7.24 26.93
C GLN C 96 7.31 -7.78 27.81
N LEU C 97 8.53 -7.72 27.30
CA LEU C 97 9.71 -8.22 28.00
C LEU C 97 10.48 -7.07 28.63
N ILE C 98 10.92 -7.26 29.87
CA ILE C 98 11.55 -6.22 30.67
C ILE C 98 12.97 -6.66 30.99
N MET C 99 13.94 -5.80 30.67
CA MET C 99 15.35 -6.04 30.99
C MET C 99 15.97 -4.76 31.50
N GLN C 100 17.21 -4.85 31.98
CA GLN C 100 17.88 -3.69 32.54
C GLN C 100 18.22 -2.68 31.45
N LEU C 101 18.15 -1.40 31.80
CA LEU C 101 18.45 -0.32 30.87
C LEU C 101 19.96 -0.07 30.84
N MET C 102 20.53 -0.06 29.63
CA MET C 102 21.93 0.23 29.42
C MET C 102 22.04 1.67 28.92
N PRO C 103 22.30 2.66 29.78
CA PRO C 103 22.13 4.06 29.37
C PRO C 103 23.00 4.52 28.20
N PHE C 104 24.03 3.76 27.83
CA PHE C 104 24.90 4.17 26.74
C PHE C 104 24.50 3.60 25.39
N GLY C 105 23.56 2.66 25.35
CA GLY C 105 23.13 2.07 24.10
C GLY C 105 24.02 0.90 23.69
N CYS C 106 24.04 0.64 22.39
CA CYS C 106 24.80 -0.47 21.84
C CYS C 106 26.21 -0.03 21.45
N LEU C 107 27.11 -1.01 21.38
CA LEU C 107 28.52 -0.72 21.12
C LEU C 107 28.76 -0.29 19.68
N LEU C 108 27.90 -0.72 18.74
CA LEU C 108 28.06 -0.33 17.35
C LEU C 108 27.91 1.18 17.19
N ASP C 109 26.78 1.72 17.65
CA ASP C 109 26.58 3.17 17.57
C ASP C 109 27.61 3.92 18.40
N TYR C 110 28.10 3.32 19.49
CA TYR C 110 29.07 3.99 20.34
C TYR C 110 30.40 4.19 19.59
N VAL C 111 30.94 3.12 19.01
CA VAL C 111 32.21 3.23 18.30
C VAL C 111 32.07 4.13 17.07
N ARG C 112 30.88 4.18 16.47
CA ARG C 112 30.68 5.06 15.34
C ARG C 112 30.70 6.53 15.75
N GLU C 113 30.16 6.83 16.93
CA GLU C 113 30.09 8.22 17.37
C GLU C 113 31.39 8.67 18.02
N HIS C 114 32.13 7.76 18.64
CA HIS C 114 33.42 8.07 19.26
C HIS C 114 34.59 7.48 18.47
N LYS C 115 34.53 7.57 17.14
CA LYS C 115 35.62 7.07 16.31
C LYS C 115 36.96 7.70 16.67
N ASP C 116 36.96 8.98 17.05
CA ASP C 116 38.19 9.71 17.28
C ASP C 116 38.60 9.76 18.74
N ASN C 117 37.97 8.95 19.60
CA ASN C 117 38.24 9.05 21.03
C ASN C 117 38.29 7.69 21.72
N ILE C 118 38.42 6.59 20.98
CA ILE C 118 38.54 5.26 21.53
C ILE C 118 39.97 4.78 21.34
N GLY C 119 40.60 4.35 22.43
CA GLY C 119 41.98 3.90 22.38
C GLY C 119 42.09 2.39 22.21
N SER C 120 43.34 1.95 22.02
CA SER C 120 43.60 0.53 21.84
C SER C 120 43.24 -0.27 23.08
N GLN C 121 43.38 0.34 24.26
CA GLN C 121 43.08 -0.35 25.50
C GLN C 121 41.60 -0.73 25.56
N TYR C 122 40.72 0.19 25.17
CA TYR C 122 39.29 -0.07 25.18
C TYR C 122 38.90 -1.09 24.11
N LEU C 123 39.47 -0.97 22.92
CA LEU C 123 39.08 -1.85 21.82
C LEU C 123 39.42 -3.31 22.13
N LEU C 124 40.62 -3.55 22.67
CA LEU C 124 41.01 -4.93 22.98
C LEU C 124 40.27 -5.45 24.20
N ASN C 125 40.02 -4.59 25.20
CA ASN C 125 39.30 -5.04 26.39
C ASN C 125 37.84 -5.37 26.08
N TRP C 126 37.22 -4.62 25.16
CA TRP C 126 35.87 -4.98 24.73
C TRP C 126 35.84 -6.36 24.10
N CYS C 127 36.89 -6.70 23.34
CA CYS C 127 36.95 -8.02 22.72
C CYS C 127 37.04 -9.12 23.77
N VAL C 128 37.77 -8.88 24.86
CA VAL C 128 37.89 -9.88 25.92
C VAL C 128 36.55 -10.06 26.61
N GLN C 129 35.81 -8.97 26.82
CA GLN C 129 34.54 -9.06 27.53
C GLN C 129 33.48 -9.80 26.72
N ILE C 130 33.47 -9.62 25.40
CA ILE C 130 32.51 -10.34 24.57
C ILE C 130 32.84 -11.82 24.53
N ALA C 131 34.13 -12.16 24.48
CA ALA C 131 34.52 -13.57 24.48
C ALA C 131 34.19 -14.25 25.79
N LYS C 132 34.29 -13.52 26.91
CA LYS C 132 33.88 -14.09 28.20
C LYS C 132 32.39 -14.36 28.22
N GLY C 133 31.58 -13.46 27.67
CA GLY C 133 30.15 -13.67 27.65
C GLY C 133 29.73 -14.80 26.72
N MET C 134 30.42 -14.94 25.58
CA MET C 134 30.09 -16.03 24.67
C MET C 134 30.60 -17.36 25.19
N ASN C 135 31.69 -17.35 25.96
CA ASN C 135 32.19 -18.60 26.54
C ASN C 135 31.26 -19.11 27.63
N TYR C 136 30.68 -18.20 28.41
CA TYR C 136 29.71 -18.61 29.41
C TYR C 136 28.45 -19.19 28.77
N LEU C 137 27.95 -18.54 27.71
CA LEU C 137 26.79 -19.07 26.99
C LEU C 137 27.10 -20.44 26.39
N GLU C 138 28.36 -20.68 26.02
CA GLU C 138 28.74 -22.00 25.53
C GLU C 138 28.72 -23.02 26.65
N ASP C 139 29.19 -22.63 27.84
CA ASP C 139 29.14 -23.53 28.98
C ASP C 139 27.69 -23.84 29.35
N ARG C 140 26.80 -22.87 29.20
CA ARG C 140 25.39 -23.11 29.46
C ARG C 140 24.68 -23.73 28.26
N ARG C 141 25.44 -24.08 27.21
CA ARG C 141 24.91 -24.74 26.02
C ARG C 141 23.74 -23.97 25.41
N LEU C 142 24.00 -22.69 25.15
CA LEU C 142 23.09 -21.81 24.44
C LEU C 142 23.84 -21.22 23.25
N VAL C 143 23.30 -21.41 22.06
CA VAL C 143 23.93 -20.85 20.85
C VAL C 143 23.28 -19.50 20.58
N HIS C 144 24.12 -18.48 20.35
CA HIS C 144 23.61 -17.11 20.20
C HIS C 144 22.80 -16.96 18.92
N ARG C 145 23.41 -17.30 17.77
CA ARG C 145 22.83 -17.31 16.43
C ARG C 145 22.78 -15.91 15.79
N ASP C 146 23.06 -14.84 16.52
CA ASP C 146 22.91 -13.50 15.96
C ASP C 146 23.88 -12.54 16.65
N LEU C 147 25.15 -12.94 16.75
CA LEU C 147 26.15 -12.07 17.34
C LEU C 147 26.53 -10.95 16.37
N ALA C 148 26.49 -9.72 16.87
CA ALA C 148 26.84 -8.55 16.09
C ALA C 148 27.11 -7.39 17.03
N ALA C 149 27.82 -6.38 16.52
CA ALA C 149 28.14 -5.22 17.34
C ALA C 149 26.90 -4.44 17.76
N ARG C 150 25.80 -4.55 17.02
CA ARG C 150 24.58 -3.86 17.42
C ARG C 150 23.92 -4.55 18.61
N ASN C 151 24.25 -5.82 18.87
CA ASN C 151 23.65 -6.59 19.94
C ASN C 151 24.57 -6.71 21.15
N VAL C 152 25.56 -5.84 21.26
CA VAL C 152 26.38 -5.70 22.46
C VAL C 152 26.05 -4.36 23.08
N LEU C 153 25.52 -4.38 24.29
CA LEU C 153 25.08 -3.17 24.98
C LEU C 153 26.16 -2.66 25.92
N VAL C 154 26.19 -1.33 26.07
CA VAL C 154 27.18 -0.65 26.89
C VAL C 154 26.50 -0.18 28.17
N LYS C 155 26.94 -0.68 29.30
CA LYS C 155 26.46 -0.14 30.56
C LYS C 155 27.34 1.02 31.02
N THR C 156 28.65 0.80 31.05
CA THR C 156 29.66 1.84 31.17
C THR C 156 30.67 1.60 30.07
N PRO C 157 31.43 2.64 29.68
CA PRO C 157 32.44 2.46 28.62
C PRO C 157 33.41 1.31 28.88
N GLN C 158 33.55 0.95 30.15
CA GLN C 158 34.44 -0.12 30.58
C GLN C 158 33.71 -1.42 30.89
N HIS C 159 32.43 -1.52 30.52
CA HIS C 159 31.64 -2.71 30.85
C HIS C 159 30.59 -2.90 29.75
N VAL C 160 30.71 -3.98 28.98
CA VAL C 160 29.76 -4.30 27.93
C VAL C 160 29.18 -5.69 28.18
N LYS C 161 27.97 -5.90 27.64
CA LYS C 161 27.23 -7.14 27.84
C LYS C 161 26.46 -7.48 26.57
N ILE C 162 26.36 -8.80 26.26
CA ILE C 162 25.65 -9.27 25.08
C ILE C 162 24.18 -9.49 25.42
N THR C 163 23.32 -9.31 24.42
CA THR C 163 21.88 -9.39 24.58
C THR C 163 21.26 -10.10 23.39
N ASP C 164 19.97 -10.39 23.52
CA ASP C 164 19.16 -11.02 22.46
C ASP C 164 19.85 -12.28 21.91
N PHE C 165 20.13 -13.21 22.82
CA PHE C 165 20.74 -14.48 22.47
C PHE C 165 19.72 -15.62 22.54
N GLY C 166 20.00 -16.68 21.78
CA GLY C 166 19.19 -17.88 21.82
C GLY C 166 17.82 -17.77 21.19
N LEU C 167 17.66 -16.92 20.19
CA LEU C 167 16.37 -16.75 19.50
C LEU C 167 16.37 -17.65 18.27
N ALA C 168 15.83 -18.87 18.43
CA ALA C 168 15.72 -19.79 17.30
C ALA C 168 14.78 -19.26 16.23
N LYS C 169 13.76 -18.49 16.64
CA LYS C 169 12.76 -17.95 15.73
C LYS C 169 13.39 -17.13 14.61
N VAL C 185 17.43 -11.47 7.85
CA VAL C 185 18.46 -12.45 8.17
C VAL C 185 19.83 -11.82 8.08
N PRO C 186 20.62 -11.92 9.16
CA PRO C 186 21.97 -11.34 9.13
C PRO C 186 22.91 -12.14 8.26
N ILE C 187 22.67 -12.11 6.94
CA ILE C 187 23.42 -12.94 6.02
C ILE C 187 24.91 -12.62 6.09
N LYS C 188 25.26 -11.35 6.22
CA LYS C 188 26.66 -10.94 6.20
C LYS C 188 27.38 -11.23 7.51
N TRP C 189 26.68 -11.75 8.53
CA TRP C 189 27.31 -12.20 9.76
C TRP C 189 27.35 -13.71 9.90
N MET C 190 26.65 -14.45 9.04
CA MET C 190 26.52 -15.89 9.20
C MET C 190 27.73 -16.63 8.63
N ALA C 191 28.06 -17.76 9.26
CA ALA C 191 29.05 -18.65 8.70
C ALA C 191 28.51 -19.31 7.44
N LEU C 192 29.43 -19.88 6.65
CA LEU C 192 29.02 -20.45 5.37
C LEU C 192 28.09 -21.65 5.56
N GLU C 193 28.35 -22.47 6.59
CA GLU C 193 27.46 -23.61 6.83
C GLU C 193 26.08 -23.17 7.28
N SER C 194 25.96 -21.97 7.86
CA SER C 194 24.65 -21.42 8.21
C SER C 194 23.93 -20.88 6.98
N ILE C 195 24.68 -20.24 6.07
CA ILE C 195 24.06 -19.68 4.86
C ILE C 195 23.51 -20.79 3.98
N LEU C 196 24.22 -21.91 3.89
CA LEU C 196 23.83 -22.96 2.97
C LEU C 196 22.87 -23.97 3.59
N HIS C 197 23.05 -24.34 4.86
CA HIS C 197 22.29 -25.46 5.43
C HIS C 197 21.57 -25.13 6.74
N ARG C 198 21.56 -23.87 7.18
CA ARG C 198 20.89 -23.47 8.42
C ARG C 198 21.48 -24.18 9.64
N ILE C 199 22.79 -24.40 9.64
CA ILE C 199 23.47 -25.06 10.75
C ILE C 199 24.03 -23.99 11.68
N TYR C 200 23.55 -23.97 12.93
CA TYR C 200 23.98 -23.02 13.95
C TYR C 200 24.55 -23.78 15.13
N THR C 201 25.84 -23.58 15.40
CA THR C 201 26.54 -24.22 16.50
C THR C 201 27.34 -23.15 17.25
N HIS C 202 28.05 -23.58 18.29
CA HIS C 202 28.96 -22.68 18.98
C HIS C 202 30.12 -22.25 18.10
N GLN C 203 30.46 -23.05 17.09
CA GLN C 203 31.55 -22.70 16.19
C GLN C 203 31.10 -21.75 15.09
N SER C 204 29.82 -21.81 14.70
CA SER C 204 29.29 -20.80 13.79
C SER C 204 29.16 -19.45 14.47
N ASP C 205 28.98 -19.45 15.80
CA ASP C 205 29.04 -18.21 16.56
C ASP C 205 30.44 -17.61 16.53
N VAL C 206 31.47 -18.45 16.48
CA VAL C 206 32.84 -17.96 16.38
C VAL C 206 33.02 -17.15 15.09
N TRP C 207 32.38 -17.58 14.01
CA TRP C 207 32.40 -16.82 12.77
C TRP C 207 31.77 -15.44 12.97
N SER C 208 30.59 -15.39 13.59
CA SER C 208 29.92 -14.12 13.84
C SER C 208 30.74 -13.23 14.77
N TYR C 209 31.47 -13.85 15.71
CA TYR C 209 32.35 -13.07 16.59
C TYR C 209 33.44 -12.36 15.80
N GLY C 210 34.02 -13.04 14.80
CA GLY C 210 35.04 -12.41 13.98
C GLY C 210 34.53 -11.16 13.28
N VAL C 211 33.31 -11.20 12.77
CA VAL C 211 32.73 -10.03 12.12
C VAL C 211 32.52 -8.91 13.15
N THR C 212 32.08 -9.26 14.36
CA THR C 212 31.89 -8.26 15.39
C THR C 212 33.21 -7.57 15.73
N VAL C 213 34.28 -8.34 15.84
CA VAL C 213 35.61 -7.75 16.07
C VAL C 213 35.99 -6.87 14.88
N TRP C 214 35.63 -7.30 13.67
CA TRP C 214 35.86 -6.46 12.50
C TRP C 214 35.06 -5.17 12.58
N GLU C 215 33.81 -5.25 13.05
CA GLU C 215 33.01 -4.05 13.22
C GLU C 215 33.69 -3.05 14.15
N LEU C 216 34.23 -3.53 15.28
CA LEU C 216 34.85 -2.63 16.24
C LEU C 216 36.14 -2.03 15.70
N MET C 217 36.99 -2.85 15.06
CA MET C 217 38.29 -2.37 14.61
C MET C 217 38.18 -1.38 13.45
N THR C 218 37.06 -1.38 12.73
CA THR C 218 36.81 -0.42 11.67
C THR C 218 35.90 0.71 12.15
N PHE C 219 35.65 0.78 13.45
CA PHE C 219 34.84 1.85 14.05
C PHE C 219 33.42 1.86 13.49
N GLY C 220 32.84 0.67 13.32
CA GLY C 220 31.43 0.55 12.97
C GLY C 220 31.13 0.51 11.49
N SER C 221 32.07 0.08 10.67
CA SER C 221 31.84 -0.01 9.23
C SER C 221 30.88 -1.14 8.89
N LYS C 222 30.24 -1.02 7.74
CA LYS C 222 29.29 -2.03 7.28
C LYS C 222 30.06 -3.13 6.56
N PRO C 223 29.90 -4.39 6.96
CA PRO C 223 30.66 -5.47 6.30
C PRO C 223 30.14 -5.75 4.91
N TYR C 224 31.07 -6.03 3.99
CA TYR C 224 30.76 -6.30 2.59
C TYR C 224 29.90 -5.19 2.00
N ASP C 225 30.29 -3.94 2.27
CA ASP C 225 29.49 -2.79 1.85
C ASP C 225 29.49 -2.68 0.33
N GLY C 226 28.28 -2.62 -0.26
CA GLY C 226 28.12 -2.51 -1.69
C GLY C 226 27.92 -3.82 -2.41
N ILE C 227 28.03 -4.93 -1.72
CA ILE C 227 27.90 -6.28 -2.30
C ILE C 227 26.58 -6.86 -1.85
N PRO C 228 25.75 -7.37 -2.76
CA PRO C 228 24.48 -7.97 -2.35
C PRO C 228 24.71 -9.28 -1.61
N ALA C 229 23.78 -9.58 -0.70
CA ALA C 229 23.83 -10.82 0.06
C ALA C 229 23.58 -12.04 -0.80
N SER C 230 22.92 -11.89 -1.96
CA SER C 230 22.69 -13.04 -2.81
C SER C 230 23.99 -13.65 -3.33
N GLU C 231 25.07 -12.91 -3.24
CA GLU C 231 26.36 -13.35 -3.76
C GLU C 231 27.39 -13.59 -2.67
N ILE C 232 27.03 -13.34 -1.41
CA ILE C 232 28.02 -13.48 -0.34
C ILE C 232 28.38 -14.95 -0.15
N SER C 233 27.39 -15.84 -0.22
CA SER C 233 27.70 -17.26 -0.15
C SER C 233 28.63 -17.67 -1.27
N SER C 234 28.47 -17.07 -2.46
CA SER C 234 29.33 -17.40 -3.59
C SER C 234 30.75 -16.91 -3.40
N ILE C 235 30.92 -15.67 -2.92
CA ILE C 235 32.26 -15.12 -2.76
C ILE C 235 33.01 -15.83 -1.65
N LEU C 236 32.29 -16.38 -0.67
CA LEU C 236 32.94 -17.06 0.44
C LEU C 236 33.56 -18.38 0.00
N GLU C 237 32.91 -19.11 -0.93
CA GLU C 237 33.42 -20.43 -1.31
C GLU C 237 34.77 -20.33 -2.03
N LYS C 238 35.02 -19.26 -2.76
CA LYS C 238 36.29 -19.11 -3.46
C LYS C 238 37.38 -18.50 -2.58
N GLY C 239 37.08 -18.14 -1.34
CA GLY C 239 38.09 -17.80 -0.38
C GLY C 239 38.21 -16.33 -0.03
N GLU C 240 37.27 -15.49 -0.46
CA GLU C 240 37.38 -14.07 -0.16
C GLU C 240 36.84 -13.82 1.24
N ARG C 241 37.49 -12.91 1.95
CA ARG C 241 37.10 -12.54 3.31
C ARG C 241 37.18 -11.03 3.45
N LEU C 242 36.65 -10.53 4.56
CA LEU C 242 36.69 -9.11 4.86
C LEU C 242 38.14 -8.62 4.88
N PRO C 243 38.38 -7.37 4.48
CA PRO C 243 39.76 -6.88 4.40
C PRO C 243 40.34 -6.65 5.78
N GLN C 244 41.65 -6.38 5.79
CA GLN C 244 42.35 -6.15 7.04
C GLN C 244 42.11 -4.72 7.51
N PRO C 245 41.56 -4.51 8.69
CA PRO C 245 41.29 -3.14 9.17
C PRO C 245 42.58 -2.36 9.29
N PRO C 246 42.55 -1.06 8.98
CA PRO C 246 43.79 -0.27 8.97
C PRO C 246 44.54 -0.26 10.29
N ILE C 247 43.84 -0.33 11.43
CA ILE C 247 44.51 -0.24 12.72
C ILE C 247 45.03 -1.58 13.22
N CYS C 248 44.66 -2.69 12.57
CA CYS C 248 45.05 -4.01 13.04
C CYS C 248 46.40 -4.40 12.46
N THR C 249 47.29 -4.91 13.31
CA THR C 249 48.49 -5.58 12.85
C THR C 249 48.12 -6.98 12.35
N ILE C 250 49.11 -7.70 11.83
CA ILE C 250 48.83 -9.02 11.26
C ILE C 250 48.42 -9.99 12.35
N ASP C 251 48.89 -9.79 13.58
CA ASP C 251 48.53 -10.68 14.68
C ASP C 251 47.04 -10.60 15.00
N VAL C 252 46.47 -9.39 14.94
CA VAL C 252 45.05 -9.23 15.22
C VAL C 252 44.21 -9.73 14.05
N TYR C 253 44.64 -9.44 12.82
CA TYR C 253 43.85 -9.83 11.65
C TYR C 253 43.80 -11.34 11.49
N MET C 254 44.90 -12.04 11.78
CA MET C 254 44.94 -13.48 11.61
C MET C 254 44.05 -14.20 12.62
N ILE C 255 43.79 -13.58 13.78
CA ILE C 255 42.79 -14.14 14.70
C ILE C 255 41.41 -14.09 14.05
N MET C 256 41.09 -12.95 13.42
CA MET C 256 39.80 -12.82 12.75
C MET C 256 39.70 -13.77 11.55
N ARG C 257 40.80 -14.00 10.85
CA ARG C 257 40.76 -14.93 9.72
C ARG C 257 40.57 -16.37 10.17
N LYS C 258 41.05 -16.73 11.36
CA LYS C 258 40.79 -18.08 11.86
C LYS C 258 39.32 -18.28 12.20
N CYS C 259 38.60 -17.21 12.52
CA CYS C 259 37.17 -17.34 12.78
C CYS C 259 36.38 -17.61 11.51
N TRP C 260 36.95 -17.32 10.34
CA TRP C 260 36.23 -17.43 9.07
C TRP C 260 36.72 -18.58 8.21
N MET C 261 37.32 -19.61 8.81
CA MET C 261 37.72 -20.77 8.04
C MET C 261 36.51 -21.63 7.69
N ILE C 262 36.61 -22.33 6.56
CA ILE C 262 35.49 -23.15 6.10
C ILE C 262 35.19 -24.27 7.09
N ASP C 263 36.22 -24.94 7.57
CA ASP C 263 36.05 -26.00 8.57
C ASP C 263 35.70 -25.37 9.92
N ALA C 264 34.50 -25.69 10.42
CA ALA C 264 34.06 -25.09 11.69
C ALA C 264 34.97 -25.50 12.83
N ASP C 265 35.48 -26.73 12.81
CA ASP C 265 36.35 -27.23 13.87
C ASP C 265 37.77 -26.70 13.78
N SER C 266 38.09 -25.89 12.76
CA SER C 266 39.39 -25.24 12.68
C SER C 266 39.37 -23.84 13.28
N ARG C 267 38.18 -23.27 13.47
CA ARG C 267 38.07 -21.97 14.10
C ARG C 267 38.41 -22.10 15.59
N PRO C 268 38.95 -21.04 16.19
CA PRO C 268 39.30 -21.10 17.61
C PRO C 268 38.07 -21.26 18.49
N LYS C 269 38.31 -21.67 19.73
CA LYS C 269 37.27 -21.76 20.74
C LYS C 269 37.16 -20.46 21.51
N PHE C 270 36.03 -20.28 22.19
CA PHE C 270 35.84 -19.07 22.98
C PHE C 270 36.79 -19.01 24.17
N ARG C 271 37.24 -20.17 24.67
CA ARG C 271 38.24 -20.17 25.73
C ARG C 271 39.57 -19.61 25.22
N GLU C 272 39.99 -20.04 24.04
CA GLU C 272 41.26 -19.58 23.48
C GLU C 272 41.21 -18.10 23.11
N LEU C 273 40.06 -17.60 22.66
CA LEU C 273 39.96 -16.19 22.31
C LEU C 273 40.11 -15.28 23.53
N ILE C 274 39.61 -15.72 24.69
CA ILE C 274 39.81 -14.95 25.91
C ILE C 274 41.30 -14.83 26.22
N ILE C 275 42.02 -15.95 26.13
CA ILE C 275 43.45 -15.98 26.47
C ILE C 275 44.24 -15.12 25.48
N GLU C 276 43.98 -15.29 24.19
CA GLU C 276 44.78 -14.61 23.18
C GLU C 276 44.55 -13.10 23.19
N PHE C 277 43.31 -12.66 23.37
CA PHE C 277 43.02 -11.23 23.42
C PHE C 277 43.43 -10.59 24.73
N SER C 278 43.55 -11.38 25.81
CA SER C 278 44.01 -10.81 27.08
C SER C 278 45.51 -10.53 27.04
N LYS C 279 46.28 -11.35 26.33
CA LYS C 279 47.71 -11.08 26.15
C LYS C 279 47.95 -9.82 25.34
N MET C 280 47.12 -9.57 24.32
CA MET C 280 47.30 -8.36 23.54
C MET C 280 46.84 -7.13 24.31
N ALA C 281 45.89 -7.31 25.23
CA ALA C 281 45.43 -6.20 26.05
C ALA C 281 46.47 -5.77 27.08
N ARG C 282 47.45 -6.62 27.40
CA ARG C 282 48.49 -6.21 28.33
C ARG C 282 49.57 -5.38 27.67
N ASP C 283 49.59 -5.30 26.34
CA ASP C 283 50.47 -4.38 25.63
C ASP C 283 49.78 -3.94 24.34
N PRO C 284 48.78 -3.06 24.45
CA PRO C 284 48.00 -2.70 23.26
C PRO C 284 48.80 -1.94 22.23
N GLN C 285 49.91 -1.33 22.64
CA GLN C 285 50.76 -0.58 21.71
C GLN C 285 51.37 -1.51 20.67
N ARG C 286 51.56 -2.78 21.03
CA ARG C 286 52.21 -3.74 20.15
C ARG C 286 51.28 -4.20 19.02
N TYR C 287 50.00 -4.38 19.32
CA TYR C 287 49.08 -5.08 18.41
C TYR C 287 48.12 -4.17 17.65
N LEU C 288 47.95 -2.92 18.04
CA LEU C 288 47.09 -1.99 17.31
C LEU C 288 47.86 -0.72 16.99
N VAL C 289 47.79 -0.29 15.73
CA VAL C 289 48.44 0.95 15.32
C VAL C 289 47.39 2.04 15.55
N ILE C 290 47.46 2.62 16.75
CA ILE C 290 46.48 3.57 17.26
C ILE C 290 46.89 3.96 18.68
N GLN C 291 46.69 5.23 19.01
CA GLN C 291 47.09 5.73 20.33
C GLN C 291 46.15 5.17 21.40
N GLY C 292 46.73 4.56 22.43
CA GLY C 292 45.94 4.00 23.51
C GLY C 292 46.52 4.30 24.88
N PHE C 306 32.79 3.72 36.46
CA PHE C 306 33.28 3.30 37.77
C PHE C 306 32.12 3.14 38.75
N TYR C 307 31.65 4.27 39.29
CA TYR C 307 30.54 4.28 40.26
C TYR C 307 29.42 5.19 39.76
N ARG C 308 28.35 4.58 39.22
CA ARG C 308 27.18 5.29 38.69
C ARG C 308 27.50 6.21 37.52
N ALA C 309 27.48 5.66 36.32
CA ALA C 309 27.75 6.39 35.08
C ALA C 309 26.54 6.27 34.16
N LEU C 310 26.17 7.36 33.49
CA LEU C 310 24.94 7.38 32.71
C LEU C 310 25.06 8.25 31.47
N MET C 311 24.07 8.10 30.59
CA MET C 311 23.92 8.90 29.37
C MET C 311 22.46 9.24 29.11
N ASP C 312 21.62 9.22 30.14
CA ASP C 312 20.17 9.33 30.00
C ASP C 312 19.72 10.76 30.29
N GLU C 313 18.88 11.29 29.40
CA GLU C 313 18.37 12.65 29.53
C GLU C 313 17.16 12.85 28.63
N ALA D 11 -10.69 11.83 27.03
CA ALA D 11 -11.63 12.83 26.54
C ALA D 11 -11.44 14.16 27.26
N LEU D 12 -10.48 14.95 26.78
CA LEU D 12 -10.15 16.25 27.35
C LEU D 12 -10.61 17.40 26.46
N LEU D 13 -11.68 17.17 25.70
CA LEU D 13 -12.27 18.20 24.85
C LEU D 13 -13.32 18.98 25.63
N ARG D 14 -13.20 20.30 25.59
CA ARG D 14 -14.07 21.20 26.34
C ARG D 14 -15.16 21.74 25.42
N ILE D 15 -16.42 21.45 25.75
CA ILE D 15 -17.54 21.93 24.94
C ILE D 15 -17.94 23.31 25.44
N LEU D 16 -17.67 24.33 24.61
CA LEU D 16 -17.86 25.73 24.98
C LEU D 16 -19.22 26.25 24.53
N LYS D 17 -19.73 27.20 25.29
CA LYS D 17 -20.89 28.01 24.93
C LYS D 17 -20.45 29.22 24.12
N GLU D 18 -21.41 29.77 23.35
CA GLU D 18 -21.11 30.96 22.55
C GLU D 18 -20.75 32.17 23.40
N THR D 19 -21.12 32.16 24.68
CA THR D 19 -20.96 33.31 25.57
C THR D 19 -19.67 33.27 26.39
N GLU D 20 -18.69 32.47 26.01
CA GLU D 20 -17.44 32.41 26.76
C GLU D 20 -16.20 32.63 25.90
N PHE D 21 -16.35 33.11 24.66
CA PHE D 21 -15.21 33.52 23.86
C PHE D 21 -15.65 34.55 22.84
N LYS D 22 -14.70 35.39 22.41
CA LYS D 22 -14.96 36.49 21.49
C LYS D 22 -13.90 36.51 20.40
N LYS D 23 -14.33 36.78 19.17
CA LYS D 23 -13.42 37.03 18.05
C LYS D 23 -13.13 38.52 17.92
N ILE D 24 -11.87 38.85 17.65
CA ILE D 24 -11.43 40.24 17.60
C ILE D 24 -10.99 40.62 16.17
N LYS D 25 -10.12 39.82 15.58
CA LYS D 25 -9.51 40.08 14.29
C LYS D 25 -9.27 38.74 13.61
N VAL D 26 -9.39 38.74 12.29
CA VAL D 26 -9.15 37.53 11.50
C VAL D 26 -7.66 37.41 11.21
N LEU D 27 -7.13 36.20 11.35
CA LEU D 27 -5.72 35.95 11.11
C LEU D 27 -5.43 35.35 9.74
N GLY D 28 -6.41 34.71 9.11
CA GLY D 28 -6.22 34.17 7.78
C GLY D 28 -7.36 33.27 7.39
N SER D 29 -7.35 32.89 6.11
CA SER D 29 -8.36 32.01 5.55
C SER D 29 -7.70 30.83 4.85
N GLY D 30 -8.45 29.75 4.70
CA GLY D 30 -8.03 28.56 3.98
C GLY D 30 -9.20 27.94 3.24
N ALA D 31 -9.24 26.62 3.24
CA ALA D 31 -10.29 25.87 2.56
C ALA D 31 -11.37 25.39 3.51
N PHE D 32 -11.03 25.22 4.79
CA PHE D 32 -11.97 24.71 5.80
C PHE D 32 -12.54 25.77 6.72
N GLY D 33 -12.11 27.01 6.62
CA GLY D 33 -12.72 28.04 7.44
C GLY D 33 -11.81 29.23 7.65
N THR D 34 -12.31 30.16 8.46
CA THR D 34 -11.60 31.37 8.83
C THR D 34 -10.98 31.20 10.21
N VAL D 35 -9.75 31.69 10.35
CA VAL D 35 -9.00 31.59 11.60
C VAL D 35 -9.00 32.98 12.24
N TYR D 36 -9.46 33.07 13.48
CA TYR D 36 -9.51 34.32 14.23
C TYR D 36 -8.57 34.29 15.42
N LYS D 37 -8.24 35.49 15.90
CA LYS D 37 -7.57 35.69 17.18
C LYS D 37 -8.63 36.07 18.21
N GLY D 38 -8.56 35.45 19.39
CA GLY D 38 -9.60 35.68 20.37
C GLY D 38 -9.17 35.37 21.79
N LEU D 39 -10.15 35.38 22.68
CA LEU D 39 -9.96 35.16 24.11
C LEU D 39 -11.06 34.26 24.65
N TRP D 40 -10.70 33.38 25.57
CA TRP D 40 -11.60 32.37 26.12
C TRP D 40 -11.58 32.46 27.64
N ILE D 41 -12.74 32.61 28.27
CA ILE D 41 -12.81 32.60 29.73
C ILE D 41 -13.63 31.37 30.12
N PRO D 42 -12.99 30.27 30.50
CA PRO D 42 -13.73 29.04 30.76
C PRO D 42 -14.64 29.18 31.97
N GLU D 43 -15.76 28.44 31.92
CA GLU D 43 -16.87 28.45 32.87
C GLU D 43 -16.73 29.49 33.96
N GLY D 44 -16.35 29.04 35.15
CA GLY D 44 -16.15 29.93 36.27
C GLY D 44 -14.71 29.94 36.74
N GLU D 45 -13.81 29.40 35.92
CA GLU D 45 -12.38 29.40 36.26
C GLU D 45 -11.80 30.81 36.42
N LYS D 46 -12.56 31.86 36.05
CA LYS D 46 -12.15 33.28 36.04
C LYS D 46 -10.71 33.49 35.60
N VAL D 47 -10.38 32.96 34.43
CA VAL D 47 -9.09 33.21 33.82
C VAL D 47 -9.33 33.43 32.34
N LYS D 48 -8.51 34.27 31.71
CA LYS D 48 -8.60 34.47 30.27
C LYS D 48 -7.47 33.73 29.57
N ILE D 49 -7.82 33.07 28.47
CA ILE D 49 -6.87 32.28 27.70
C ILE D 49 -6.84 32.80 26.28
N PRO D 50 -5.70 33.31 25.79
CA PRO D 50 -5.62 33.71 24.38
C PRO D 50 -5.66 32.49 23.49
N VAL D 51 -6.55 32.52 22.50
CA VAL D 51 -6.82 31.35 21.67
C VAL D 51 -6.90 31.76 20.20
N ALA D 52 -6.79 30.74 19.35
CA ALA D 52 -7.06 30.87 17.92
C ALA D 52 -8.32 30.10 17.59
N ILE D 53 -9.23 30.73 16.87
CA ILE D 53 -10.54 30.16 16.56
C ILE D 53 -10.61 29.95 15.06
N LYS D 54 -10.78 28.70 14.64
CA LYS D 54 -10.97 28.37 13.23
C LYS D 54 -12.45 28.05 13.06
N GLU D 55 -13.20 29.02 12.53
CA GLU D 55 -14.62 28.83 12.26
C GLU D 55 -14.78 28.20 10.90
N LEU D 56 -15.48 27.09 10.86
CA LEU D 56 -15.62 26.34 9.62
C LEU D 56 -16.56 27.06 8.65
N ARG D 57 -16.58 26.50 7.44
CA ARG D 57 -17.54 26.76 6.39
C ARG D 57 -18.50 25.60 6.23
N GLU D 58 -18.15 24.45 6.78
CA GLU D 58 -18.94 23.25 6.63
C GLU D 58 -20.16 23.42 7.52
N ALA D 59 -21.25 23.89 6.92
CA ALA D 59 -22.52 24.05 7.63
C ALA D 59 -22.98 22.64 7.96
N THR D 60 -22.41 22.09 9.04
CA THR D 60 -22.62 20.71 9.40
C THR D 60 -23.96 20.52 10.09
N SER D 61 -24.30 19.26 10.30
CA SER D 61 -25.56 18.79 10.85
C SER D 61 -25.27 17.76 11.93
N PRO D 62 -26.20 17.59 12.89
CA PRO D 62 -25.93 16.73 14.06
C PRO D 62 -25.26 15.39 13.78
N LYS D 63 -25.57 14.74 12.64
CA LYS D 63 -24.91 13.47 12.39
C LYS D 63 -23.48 13.67 11.89
N ALA D 64 -23.26 14.68 11.04
CA ALA D 64 -21.90 14.99 10.64
C ALA D 64 -21.12 15.63 11.80
N ASN D 65 -21.83 16.37 12.66
CA ASN D 65 -21.21 16.91 13.87
C ASN D 65 -20.70 15.79 14.76
N LYS D 66 -21.37 14.63 14.75
CA LYS D 66 -20.94 13.49 15.53
C LYS D 66 -19.59 12.98 15.07
N GLU D 67 -19.32 13.07 13.76
CA GLU D 67 -18.03 12.65 13.23
C GLU D 67 -16.92 13.62 13.62
N ILE D 68 -17.22 14.92 13.66
CA ILE D 68 -16.25 15.92 14.07
C ILE D 68 -15.75 15.65 15.49
N LEU D 69 -16.69 15.34 16.40
CA LEU D 69 -16.32 15.15 17.80
C LEU D 69 -15.37 13.97 17.97
N ASP D 70 -15.61 12.87 17.24
CA ASP D 70 -14.77 11.68 17.41
C ASP D 70 -13.31 11.95 17.06
N GLU D 71 -13.06 12.76 16.03
CA GLU D 71 -11.69 13.14 15.73
C GLU D 71 -11.17 14.25 16.64
N ALA D 72 -12.07 15.02 17.25
CA ALA D 72 -11.65 16.12 18.11
C ALA D 72 -11.22 15.64 19.50
N TYR D 73 -11.64 14.43 19.90
CA TYR D 73 -11.24 13.92 21.20
C TYR D 73 -9.81 13.35 21.17
N VAL D 74 -9.38 12.81 20.03
CA VAL D 74 -8.02 12.29 19.92
C VAL D 74 -7.01 13.43 19.81
N MET D 75 -7.36 14.51 19.11
CA MET D 75 -6.49 15.67 19.02
C MET D 75 -6.49 16.51 20.29
N ALA D 76 -7.44 16.27 21.20
CA ALA D 76 -7.44 16.87 22.52
C ALA D 76 -6.69 16.04 23.55
N SER D 77 -6.19 14.86 23.15
CA SER D 77 -5.51 13.95 24.07
C SER D 77 -4.00 13.92 23.89
N VAL D 78 -3.45 14.71 22.97
CA VAL D 78 -2.00 14.73 22.75
C VAL D 78 -1.32 15.56 23.84
N ASP D 79 -0.14 15.10 24.27
CA ASP D 79 0.62 15.79 25.32
C ASP D 79 2.11 15.64 25.02
N ASN D 80 2.63 16.57 24.21
CA ASN D 80 4.05 16.63 23.91
C ASN D 80 4.42 18.11 23.80
N PRO D 81 5.62 18.48 24.25
CA PRO D 81 5.99 19.91 24.21
C PRO D 81 5.95 20.53 22.82
N HIS D 82 6.14 19.73 21.78
CA HIS D 82 6.23 20.24 20.41
C HIS D 82 5.04 19.80 19.56
N VAL D 83 3.89 19.51 20.18
CA VAL D 83 2.67 19.16 19.48
C VAL D 83 1.54 19.99 20.07
N CYS D 84 0.72 20.57 19.19
CA CYS D 84 -0.41 21.39 19.63
C CYS D 84 -1.63 20.52 19.95
N ARG D 85 -2.32 20.87 21.03
CA ARG D 85 -3.50 20.14 21.50
C ARG D 85 -4.76 20.97 21.26
N LEU D 86 -5.80 20.32 20.75
CA LEU D 86 -7.09 20.98 20.59
C LEU D 86 -7.75 21.16 21.95
N LEU D 87 -8.14 22.40 22.27
CA LEU D 87 -8.60 22.73 23.61
C LEU D 87 -10.10 22.58 23.79
N GLY D 88 -10.88 23.05 22.83
CA GLY D 88 -12.33 23.05 22.99
C GLY D 88 -13.05 23.21 21.68
N ILE D 89 -14.33 22.84 21.68
CA ILE D 89 -15.18 22.89 20.52
C ILE D 89 -16.48 23.58 20.88
N CYS D 90 -16.98 24.39 19.96
CA CYS D 90 -18.27 25.07 20.10
C CYS D 90 -19.14 24.60 18.95
N LEU D 91 -20.30 24.03 19.28
CA LEU D 91 -21.17 23.39 18.29
C LEU D 91 -22.31 24.33 17.95
N THR D 92 -22.20 25.03 16.82
CA THR D 92 -23.28 25.91 16.38
C THR D 92 -23.84 25.41 15.05
N SER D 93 -24.28 26.33 14.18
CA SER D 93 -24.59 25.96 12.80
C SER D 93 -23.32 25.81 11.97
N THR D 94 -22.21 26.34 12.47
CA THR D 94 -20.89 26.11 11.90
C THR D 94 -19.98 25.89 13.10
N VAL D 95 -19.20 24.82 13.05
CA VAL D 95 -18.39 24.41 14.19
C VAL D 95 -17.15 25.29 14.28
N GLN D 96 -16.79 25.67 15.51
CA GLN D 96 -15.63 26.49 15.77
C GLN D 96 -14.69 25.72 16.68
N LEU D 97 -13.45 25.52 16.23
CA LEU D 97 -12.44 24.79 16.97
C LEU D 97 -11.50 25.78 17.64
N ILE D 98 -11.17 25.52 18.90
CA ILE D 98 -10.40 26.45 19.72
C ILE D 98 -9.10 25.78 20.13
N MET D 99 -7.99 26.45 19.86
CA MET D 99 -6.66 26.01 20.29
C MET D 99 -5.90 27.24 20.79
N GLN D 100 -4.74 26.98 21.37
CA GLN D 100 -3.94 28.06 21.95
C GLN D 100 -3.35 28.95 20.85
N LEU D 101 -3.23 30.23 21.17
CA LEU D 101 -2.70 31.22 20.23
C LEU D 101 -1.17 31.22 20.26
N MET D 102 -0.56 31.10 19.08
CA MET D 102 0.89 31.18 18.93
C MET D 102 1.26 32.57 18.41
N PRO D 103 1.64 33.50 19.28
CA PRO D 103 1.76 34.90 18.85
C PRO D 103 2.77 35.16 17.74
N PHE D 104 3.67 34.21 17.45
CA PHE D 104 4.66 34.42 16.41
C PHE D 104 4.23 33.91 15.04
N GLY D 105 3.14 33.16 14.96
CA GLY D 105 2.64 32.64 13.71
C GLY D 105 3.31 31.34 13.29
N CYS D 106 3.27 31.08 11.99
CA CYS D 106 3.84 29.86 11.45
C CYS D 106 5.31 30.07 11.07
N LEU D 107 6.04 28.96 11.03
CA LEU D 107 7.48 29.03 10.80
C LEU D 107 7.83 29.39 9.36
N LEU D 108 6.94 29.09 8.41
CA LEU D 108 7.19 29.43 7.01
C LEU D 108 7.26 30.94 6.83
N ASP D 109 6.20 31.65 7.24
CA ASP D 109 6.21 33.10 7.13
C ASP D 109 7.30 33.72 7.98
N TYR D 110 7.66 33.07 9.10
CA TYR D 110 8.69 33.61 9.98
C TYR D 110 10.05 33.64 9.29
N VAL D 111 10.47 32.52 8.72
CA VAL D 111 11.78 32.47 8.06
C VAL D 111 11.80 33.39 6.84
N ARG D 112 10.65 33.61 6.19
CA ARG D 112 10.61 34.52 5.05
C ARG D 112 10.79 35.97 5.48
N GLU D 113 10.29 36.33 6.66
CA GLU D 113 10.36 37.71 7.14
C GLU D 113 11.72 38.04 7.73
N HIS D 114 12.37 37.04 8.33
CA HIS D 114 13.70 37.18 8.91
C HIS D 114 14.72 36.42 8.07
N LYS D 115 14.62 36.58 6.75
CA LYS D 115 15.51 35.92 5.81
C LYS D 115 16.99 36.16 6.13
N ASP D 116 17.32 37.39 6.52
CA ASP D 116 18.70 37.79 6.70
C ASP D 116 19.13 37.81 8.17
N ASN D 117 18.34 37.22 9.07
CA ASN D 117 18.64 37.35 10.49
C ASN D 117 18.48 36.04 11.26
N ILE D 118 18.49 34.90 10.57
CA ILE D 118 18.39 33.59 11.20
C ILE D 118 19.76 32.92 11.16
N GLY D 119 20.21 32.45 12.32
CA GLY D 119 21.50 31.79 12.41
C GLY D 119 21.41 30.29 12.27
N SER D 120 22.58 29.65 12.21
CA SER D 120 22.63 28.20 12.04
C SER D 120 22.05 27.46 13.24
N GLN D 121 22.23 28.01 14.45
CA GLN D 121 21.74 27.33 15.65
C GLN D 121 20.23 27.20 15.66
N TYR D 122 19.52 28.26 15.25
CA TYR D 122 18.06 28.20 15.25
C TYR D 122 17.52 27.19 14.25
N LEU D 123 18.13 27.12 13.06
CA LEU D 123 17.61 26.25 12.01
C LEU D 123 17.70 24.78 12.40
N LEU D 124 18.82 24.35 12.97
CA LEU D 124 18.98 22.94 13.34
C LEU D 124 18.11 22.57 14.53
N ASN D 125 17.94 23.50 15.48
CA ASN D 125 17.05 23.21 16.62
C ASN D 125 15.60 23.11 16.18
N TRP D 126 15.20 23.87 15.17
CA TRP D 126 13.86 23.71 14.61
C TRP D 126 13.67 22.32 14.03
N CYS D 127 14.70 21.78 13.37
CA CYS D 127 14.57 20.47 12.75
C CYS D 127 14.38 19.36 13.78
N VAL D 128 15.10 19.40 14.90
CA VAL D 128 14.92 18.38 15.92
C VAL D 128 13.57 18.53 16.61
N GLN D 129 13.14 19.77 16.86
CA GLN D 129 11.88 19.97 17.56
C GLN D 129 10.70 19.52 16.71
N ILE D 130 10.77 19.75 15.40
CA ILE D 130 9.73 19.24 14.51
C ILE D 130 9.81 17.71 14.44
N ALA D 131 11.03 17.17 14.45
CA ALA D 131 11.20 15.72 14.46
C ALA D 131 10.72 15.11 15.77
N LYS D 132 10.91 15.83 16.89
CA LYS D 132 10.38 15.36 18.16
C LYS D 132 8.86 15.33 18.17
N GLY D 133 8.22 16.38 17.63
CA GLY D 133 6.78 16.41 17.61
C GLY D 133 6.17 15.39 16.67
N MET D 134 6.83 15.15 15.53
CA MET D 134 6.34 14.13 14.61
C MET D 134 6.63 12.73 15.12
N ASN D 135 7.68 12.56 15.92
CA ASN D 135 7.97 11.25 16.48
C ASN D 135 6.95 10.87 17.55
N TYR D 136 6.47 11.85 18.32
CA TYR D 136 5.42 11.59 19.30
C TYR D 136 4.13 11.13 18.63
N LEU D 137 3.76 11.78 17.52
CA LEU D 137 2.61 11.34 16.74
C LEU D 137 2.75 9.90 16.28
N GLU D 138 3.99 9.44 16.09
CA GLU D 138 4.18 8.07 15.63
C GLU D 138 3.85 7.06 16.72
N ASP D 139 4.25 7.33 17.96
CA ASP D 139 3.90 6.40 19.04
C ASP D 139 2.40 6.34 19.27
N ARG D 140 1.74 7.49 19.18
CA ARG D 140 0.30 7.56 19.45
C ARG D 140 -0.53 7.10 18.31
N ARG D 141 0.16 6.56 17.31
CA ARG D 141 -0.46 6.01 16.12
C ARG D 141 -1.35 7.04 15.45
N LEU D 142 -0.78 8.23 15.22
CA LEU D 142 -1.45 9.31 14.52
C LEU D 142 -0.58 9.77 13.35
N VAL D 143 -1.14 9.75 12.15
CA VAL D 143 -0.45 10.21 10.95
C VAL D 143 -0.82 11.67 10.72
N HIS D 144 0.20 12.51 10.45
CA HIS D 144 -0.03 13.94 10.28
C HIS D 144 -0.85 14.22 9.03
N ARG D 145 -0.40 13.71 7.88
CA ARG D 145 -1.02 13.78 6.55
C ARG D 145 -0.74 15.10 5.82
N ASP D 146 -0.22 16.12 6.49
CA ASP D 146 -0.03 17.41 5.83
C ASP D 146 1.10 18.20 6.49
N LEU D 147 2.25 17.56 6.69
CA LEU D 147 3.38 18.25 7.30
C LEU D 147 4.01 19.21 6.30
N ALA D 148 4.16 20.46 6.72
CA ALA D 148 4.74 21.50 5.89
C ALA D 148 5.14 22.67 6.80
N ALA D 149 6.00 23.54 6.27
CA ALA D 149 6.46 24.68 7.06
C ALA D 149 5.31 25.61 7.44
N ARG D 150 4.21 25.57 6.67
CA ARG D 150 3.03 26.35 7.02
C ARG D 150 2.27 25.76 8.21
N ASN D 151 2.45 24.48 8.50
CA ASN D 151 1.69 23.82 9.57
C ASN D 151 2.53 23.56 10.82
N VAL D 152 3.67 24.24 10.96
CA VAL D 152 4.43 24.26 12.22
C VAL D 152 4.38 25.69 12.73
N LEU D 153 3.80 25.87 13.92
CA LEU D 153 3.60 27.18 14.50
C LEU D 153 4.73 27.52 15.47
N VAL D 154 5.02 28.80 15.58
CA VAL D 154 6.11 29.29 16.42
C VAL D 154 5.51 29.88 17.69
N LYS D 155 5.86 29.30 18.83
CA LYS D 155 5.46 29.86 20.11
C LYS D 155 6.47 30.91 20.59
N THR D 156 7.74 30.53 20.64
CA THR D 156 8.86 31.44 20.79
C THR D 156 9.90 31.06 19.74
N PRO D 157 10.80 31.99 19.38
CA PRO D 157 11.83 31.66 18.38
C PRO D 157 12.61 30.39 18.71
N GLN D 158 12.68 30.02 19.98
CA GLN D 158 13.36 28.79 20.40
C GLN D 158 12.40 27.65 20.69
N HIS D 159 11.13 27.76 20.31
CA HIS D 159 10.15 26.74 20.64
C HIS D 159 9.08 26.69 19.55
N VAL D 160 9.02 25.58 18.81
CA VAL D 160 8.04 25.40 17.75
C VAL D 160 7.20 24.17 18.05
N LYS D 161 5.98 24.15 17.50
CA LYS D 161 5.04 23.07 17.69
C LYS D 161 4.26 22.86 16.39
N ILE D 162 4.00 21.60 16.04
CA ILE D 162 3.28 21.26 14.83
C ILE D 162 1.79 21.20 15.12
N THR D 163 0.97 21.52 14.10
CA THR D 163 -0.47 21.63 14.26
C THR D 163 -1.18 21.05 13.04
N ASP D 164 -2.50 20.94 13.16
CA ASP D 164 -3.39 20.47 12.10
C ASP D 164 -2.94 19.13 11.53
N PHE D 165 -2.85 18.13 12.40
CA PHE D 165 -2.50 16.78 12.00
C PHE D 165 -3.74 15.88 12.07
N GLY D 166 -3.69 14.79 11.30
CA GLY D 166 -4.76 13.80 11.38
C GLY D 166 -6.09 14.23 10.77
N LEU D 167 -6.06 15.03 9.72
CA LEU D 167 -7.30 15.54 9.12
C LEU D 167 -7.83 14.63 8.03
N VAL D 185 -4.69 20.13 -2.75
CA VAL D 185 -3.89 18.98 -2.35
C VAL D 185 -2.40 19.33 -2.41
N PRO D 186 -1.69 19.13 -1.29
CA PRO D 186 -0.27 19.48 -1.26
C PRO D 186 0.57 18.51 -2.09
N ILE D 187 0.42 18.58 -3.41
CA ILE D 187 1.06 17.59 -4.30
C ILE D 187 2.57 17.61 -4.15
N LYS D 188 3.16 18.80 -4.03
CA LYS D 188 4.61 18.91 -3.99
C LYS D 188 5.20 18.58 -2.63
N TRP D 189 4.37 18.32 -1.62
CA TRP D 189 4.85 17.83 -0.33
C TRP D 189 4.60 16.35 -0.12
N MET D 190 3.82 15.71 -1.00
CA MET D 190 3.45 14.32 -0.81
C MET D 190 4.52 13.39 -1.36
N ALA D 191 4.64 12.23 -0.71
CA ALA D 191 5.48 11.16 -1.20
C ALA D 191 4.90 10.58 -2.49
N LEU D 192 5.73 9.83 -3.22
CA LEU D 192 5.30 9.28 -4.49
C LEU D 192 4.15 8.31 -4.33
N GLU D 193 4.20 7.47 -3.29
CA GLU D 193 3.10 6.53 -3.05
C GLU D 193 1.83 7.25 -2.62
N SER D 194 1.93 8.45 -2.06
CA SER D 194 0.74 9.23 -1.74
C SER D 194 0.13 9.86 -2.99
N ILE D 195 0.97 10.34 -3.91
CA ILE D 195 0.46 10.95 -5.13
C ILE D 195 -0.27 9.92 -5.98
N LEU D 196 0.25 8.69 -6.04
CA LEU D 196 -0.31 7.69 -6.93
C LEU D 196 -1.40 6.84 -6.29
N HIS D 197 -1.25 6.48 -5.01
CA HIS D 197 -2.13 5.47 -4.43
C HIS D 197 -2.84 5.95 -3.17
N ARG D 198 -2.69 7.22 -2.78
CA ARG D 198 -3.34 7.77 -1.59
C ARG D 198 -2.93 7.01 -0.33
N ILE D 199 -1.66 6.61 -0.27
CA ILE D 199 -1.12 5.89 0.87
C ILE D 199 -0.49 6.91 1.81
N TYR D 200 -0.99 7.00 3.03
CA TYR D 200 -0.45 7.90 4.04
C TYR D 200 0.03 7.07 5.22
N THR D 201 1.34 7.07 5.46
CA THR D 201 1.97 6.34 6.55
C THR D 201 2.93 7.28 7.27
N HIS D 202 3.58 6.76 8.31
CA HIS D 202 4.62 7.54 8.97
C HIS D 202 5.81 7.77 8.06
N GLN D 203 6.03 6.91 7.07
CA GLN D 203 7.16 7.08 6.16
C GLN D 203 6.85 8.07 5.04
N SER D 204 5.58 8.19 4.66
CA SER D 204 5.22 9.28 3.75
C SER D 204 5.27 10.62 4.45
N ASP D 205 5.05 10.64 5.78
CA ASP D 205 5.29 11.84 6.55
C ASP D 205 6.78 12.19 6.59
N VAL D 206 7.65 11.17 6.59
CA VAL D 206 9.09 11.42 6.53
C VAL D 206 9.45 12.16 5.25
N TRP D 207 8.77 11.82 4.14
CA TRP D 207 8.95 12.57 2.90
C TRP D 207 8.56 14.04 3.09
N SER D 208 7.38 14.28 3.67
CA SER D 208 6.95 15.64 3.93
C SER D 208 7.88 16.36 4.90
N TYR D 209 8.47 15.62 5.84
CA TYR D 209 9.45 16.22 6.73
C TYR D 209 10.67 16.71 5.96
N GLY D 210 11.16 15.91 5.01
CA GLY D 210 12.29 16.33 4.19
C GLY D 210 12.01 17.59 3.41
N VAL D 211 10.82 17.69 2.81
CA VAL D 211 10.45 18.90 2.10
C VAL D 211 10.35 20.07 3.07
N THR D 212 9.80 19.83 4.25
CA THR D 212 9.73 20.89 5.27
C THR D 212 11.12 21.36 5.66
N VAL D 213 12.06 20.42 5.82
CA VAL D 213 13.45 20.81 6.10
C VAL D 213 14.01 21.63 4.95
N TRP D 214 13.66 21.25 3.71
CA TRP D 214 14.07 22.04 2.55
C TRP D 214 13.50 23.45 2.61
N GLU D 215 12.24 23.58 3.04
CA GLU D 215 11.64 24.90 3.19
C GLU D 215 12.44 25.77 4.15
N LEU D 216 12.83 25.20 5.30
CA LEU D 216 13.56 25.98 6.30
C LEU D 216 14.95 26.36 5.81
N MET D 217 15.65 25.41 5.17
CA MET D 217 17.03 25.65 4.78
C MET D 217 17.14 26.64 3.62
N THR D 218 16.05 26.84 2.87
CA THR D 218 16.00 27.83 1.81
C THR D 218 15.29 29.10 2.23
N PHE D 219 14.98 29.25 3.53
CA PHE D 219 14.32 30.44 4.06
C PHE D 219 12.97 30.70 3.38
N GLY D 220 12.21 29.63 3.15
CA GLY D 220 10.87 29.76 2.65
C GLY D 220 10.70 29.74 1.16
N SER D 221 11.62 29.11 0.43
CA SER D 221 11.47 29.03 -1.02
C SER D 221 10.33 28.09 -1.38
N LYS D 222 9.74 28.32 -2.55
CA LYS D 222 8.64 27.49 -3.00
C LYS D 222 9.17 26.25 -3.72
N PRO D 223 8.76 25.05 -3.31
CA PRO D 223 9.30 23.84 -3.94
C PRO D 223 8.75 23.62 -5.33
N TYR D 224 9.62 23.17 -6.24
CA TYR D 224 9.29 22.88 -7.63
C TYR D 224 8.55 24.03 -8.28
N ASP D 225 8.97 25.26 -7.99
CA ASP D 225 8.24 26.43 -8.49
C ASP D 225 8.45 26.54 -10.00
N GLY D 226 7.34 26.67 -10.74
CA GLY D 226 7.35 26.72 -12.18
C GLY D 226 7.01 25.42 -12.86
N ILE D 227 6.86 24.34 -12.11
CA ILE D 227 6.48 23.03 -12.64
C ILE D 227 5.04 22.77 -12.23
N PRO D 228 4.16 22.38 -13.14
CA PRO D 228 2.76 22.15 -12.76
C PRO D 228 2.63 20.94 -11.86
N ALA D 229 1.59 20.95 -11.01
CA ALA D 229 1.39 19.84 -10.09
C ALA D 229 0.99 18.58 -10.83
N SER D 230 0.39 18.72 -12.01
CA SER D 230 0.04 17.57 -12.84
C SER D 230 1.26 16.83 -13.35
N GLU D 231 2.45 17.40 -13.21
CA GLU D 231 3.68 16.80 -13.70
C GLU D 231 4.62 16.34 -12.60
N ILE D 232 4.24 16.51 -11.33
CA ILE D 232 5.14 16.16 -10.24
C ILE D 232 5.32 14.65 -10.13
N SER D 233 4.25 13.88 -10.28
CA SER D 233 4.36 12.43 -10.23
C SER D 233 5.29 11.92 -11.32
N SER D 234 5.25 12.56 -12.50
CA SER D 234 6.14 12.15 -13.59
C SER D 234 7.59 12.50 -13.27
N ILE D 235 7.83 13.70 -12.73
CA ILE D 235 9.21 14.12 -12.48
C ILE D 235 9.84 13.31 -11.35
N LEU D 236 9.05 12.85 -10.38
CA LEU D 236 9.61 12.06 -9.30
C LEU D 236 10.01 10.68 -9.78
N GLU D 237 9.18 10.08 -10.63
CA GLU D 237 9.46 8.73 -11.12
C GLU D 237 10.71 8.68 -11.99
N LYS D 238 11.07 9.80 -12.64
CA LYS D 238 12.26 9.84 -13.47
C LYS D 238 13.53 10.17 -12.69
N GLY D 239 13.42 10.43 -11.40
CA GLY D 239 14.57 10.52 -10.51
C GLY D 239 14.98 11.91 -10.06
N GLU D 240 14.17 12.92 -10.33
CA GLU D 240 14.49 14.30 -9.98
C GLU D 240 14.05 14.60 -8.56
N ARG D 241 14.82 15.44 -7.87
CA ARG D 241 14.51 15.87 -6.52
C ARG D 241 14.77 17.37 -6.37
N LEU D 242 14.31 17.91 -5.24
CA LEU D 242 14.56 19.31 -4.93
C LEU D 242 16.07 19.57 -4.88
N PRO D 243 16.52 20.75 -5.28
CA PRO D 243 17.95 21.01 -5.34
C PRO D 243 18.56 21.18 -3.95
N GLN D 244 19.89 21.20 -3.93
CA GLN D 244 20.62 21.35 -2.68
C GLN D 244 20.69 22.81 -2.29
N PRO D 245 20.20 23.21 -1.11
CA PRO D 245 20.21 24.61 -0.74
C PRO D 245 21.63 25.14 -0.63
N PRO D 246 21.86 26.41 -0.97
CA PRO D 246 23.21 26.96 -0.94
C PRO D 246 23.89 26.88 0.42
N ILE D 247 23.13 26.97 1.52
CA ILE D 247 23.74 27.01 2.85
C ILE D 247 24.02 25.63 3.43
N CYS D 248 23.52 24.57 2.81
CA CYS D 248 23.66 23.23 3.35
C CYS D 248 24.93 22.56 2.83
N THR D 249 25.66 21.91 3.74
CA THR D 249 26.70 21.00 3.31
C THR D 249 26.07 19.72 2.79
N ILE D 250 26.91 18.82 2.25
CA ILE D 250 26.36 17.61 1.65
C ILE D 250 25.81 16.67 2.72
N ASP D 251 26.34 16.73 3.95
CA ASP D 251 25.85 15.85 5.01
C ASP D 251 24.39 16.14 5.33
N VAL D 252 24.00 17.42 5.30
CA VAL D 252 22.60 17.76 5.53
C VAL D 252 21.75 17.39 4.33
N TYR D 253 22.26 17.62 3.12
CA TYR D 253 21.49 17.36 1.91
C TYR D 253 21.24 15.86 1.73
N MET D 254 22.21 15.02 2.10
CA MET D 254 22.02 13.58 1.94
C MET D 254 20.97 13.04 2.88
N ILE D 255 20.74 13.70 4.01
CA ILE D 255 19.63 13.33 4.88
C ILE D 255 18.30 13.60 4.18
N MET D 256 18.17 14.77 3.56
CA MET D 256 16.93 15.11 2.87
C MET D 256 16.69 14.19 1.67
N ARG D 257 17.75 13.79 0.98
CA ARG D 257 17.58 12.89 -0.16
C ARG D 257 17.14 11.51 0.29
N LYS D 258 17.58 11.07 1.47
CA LYS D 258 17.12 9.79 2.01
C LYS D 258 15.66 9.85 2.41
N CYS D 259 15.16 11.03 2.76
CA CYS D 259 13.75 11.19 3.08
C CYS D 259 12.86 11.07 1.85
N TRP D 260 13.42 11.26 0.65
CA TRP D 260 12.66 11.27 -0.58
C TRP D 260 12.92 10.03 -1.43
N MET D 261 13.34 8.94 -0.81
CA MET D 261 13.56 7.71 -1.55
C MET D 261 12.22 7.10 -1.95
N ILE D 262 12.21 6.41 -3.08
CA ILE D 262 10.98 5.80 -3.57
C ILE D 262 10.53 4.70 -2.61
N ASP D 263 11.47 3.88 -2.16
CA ASP D 263 11.15 2.86 -1.17
C ASP D 263 10.90 3.50 0.18
N ALA D 264 9.68 3.35 0.69
CA ALA D 264 9.32 3.98 1.95
C ALA D 264 10.13 3.39 3.12
N ASP D 265 10.42 2.10 3.06
CA ASP D 265 11.14 1.44 4.15
C ASP D 265 12.63 1.74 4.15
N SER D 266 13.13 2.50 3.17
CA SER D 266 14.51 2.94 3.18
C SER D 266 14.69 4.34 3.73
N ARG D 267 13.61 5.11 3.83
CA ARG D 267 13.71 6.43 4.41
C ARG D 267 13.98 6.32 5.92
N PRO D 268 14.70 7.27 6.50
CA PRO D 268 14.98 7.20 7.93
C PRO D 268 13.72 7.31 8.77
N LYS D 269 13.83 6.89 10.02
CA LYS D 269 12.77 7.05 11.00
C LYS D 269 12.97 8.36 11.75
N PHE D 270 11.91 8.80 12.43
CA PHE D 270 11.96 10.07 13.15
C PHE D 270 12.95 10.02 14.29
N ARG D 271 13.22 8.84 14.85
CA ARG D 271 14.24 8.72 15.89
C ARG D 271 15.61 8.99 15.32
N GLU D 272 15.90 8.43 14.15
CA GLU D 272 17.20 8.62 13.51
C GLU D 272 17.40 10.08 13.09
N LEU D 273 16.31 10.75 12.70
CA LEU D 273 16.42 12.17 12.35
C LEU D 273 16.69 13.03 13.57
N ILE D 274 16.10 12.67 14.72
CA ILE D 274 16.36 13.41 15.95
C ILE D 274 17.82 13.31 16.35
N ILE D 275 18.37 12.09 16.33
CA ILE D 275 19.74 11.88 16.79
C ILE D 275 20.72 12.61 15.87
N GLU D 276 20.56 12.45 14.55
CA GLU D 276 21.51 13.01 13.62
C GLU D 276 21.45 14.54 13.60
N PHE D 277 20.24 15.11 13.69
CA PHE D 277 20.12 16.56 13.71
C PHE D 277 20.55 17.15 15.05
N SER D 278 20.46 16.38 16.13
CA SER D 278 20.92 16.89 17.42
C SER D 278 22.44 16.91 17.48
N LYS D 279 23.09 15.92 16.85
CA LYS D 279 24.55 15.93 16.76
C LYS D 279 25.02 17.08 15.89
N MET D 280 24.29 17.38 14.82
CA MET D 280 24.67 18.51 13.97
C MET D 280 24.35 19.84 14.62
N ALA D 281 23.35 19.87 15.50
CA ALA D 281 23.02 21.10 16.21
C ALA D 281 24.08 21.46 17.24
N ARG D 282 24.90 20.49 17.67
CA ARG D 282 25.98 20.75 18.60
C ARG D 282 27.22 21.31 17.91
N ASP D 283 27.24 21.34 16.58
CA ASP D 283 28.30 22.00 15.81
C ASP D 283 27.67 22.60 14.57
N PRO D 284 26.92 23.70 14.74
CA PRO D 284 26.08 24.18 13.63
C PRO D 284 26.86 24.76 12.47
N GLN D 285 28.04 25.34 12.70
CA GLN D 285 28.81 25.90 11.60
C GLN D 285 29.34 24.81 10.67
N ARG D 286 29.48 23.58 11.16
CA ARG D 286 30.01 22.51 10.34
C ARG D 286 29.01 22.11 9.25
N TYR D 287 27.72 22.07 9.60
CA TYR D 287 26.74 21.47 8.70
C TYR D 287 25.93 22.48 7.93
N LEU D 288 25.86 23.73 8.37
CA LEU D 288 25.23 24.82 7.62
C LEU D 288 26.22 25.97 7.53
N VAL D 289 26.53 26.39 6.32
CA VAL D 289 27.37 27.55 6.04
C VAL D 289 26.45 28.72 5.74
N ILE D 290 26.32 29.65 6.68
CA ILE D 290 25.40 30.78 6.52
C ILE D 290 26.23 32.04 6.67
N GLN D 291 26.08 32.96 5.71
CA GLN D 291 26.88 34.17 5.69
C GLN D 291 26.39 35.15 6.73
N PHE D 306 11.67 32.85 27.11
CA PHE D 306 11.65 31.81 28.13
C PHE D 306 10.70 32.17 29.27
N TYR D 307 10.71 33.45 29.67
CA TYR D 307 9.90 33.88 30.80
C TYR D 307 8.76 34.75 30.29
N ARG D 308 7.88 34.08 29.54
CA ARG D 308 6.70 34.68 28.92
C ARG D 308 7.10 35.73 27.89
N ALA D 309 7.49 35.28 26.70
CA ALA D 309 7.83 36.17 25.60
C ALA D 309 6.70 36.15 24.56
N LEU D 310 6.52 37.27 23.88
CA LEU D 310 5.40 37.37 22.95
C LEU D 310 5.72 38.34 21.82
N MET D 311 4.91 38.24 20.77
CA MET D 311 4.89 39.14 19.63
C MET D 311 3.64 40.02 19.61
N ASP D 312 2.47 39.42 19.86
CA ASP D 312 1.20 40.13 19.92
C ASP D 312 0.62 40.09 21.33
#